data_5GXU
#
_entry.id   5GXU
#
_cell.length_a   55.333
_cell.length_b   61.821
_cell.length_c   88.331
_cell.angle_alpha   97.840
_cell.angle_beta   100.510
_cell.angle_gamma   90.270
#
_symmetry.space_group_name_H-M   'P 1'
#
loop_
_entity.id
_entity.type
_entity.pdbx_description
1 polymer 'NADPH--cytochrome P450 reductase 2'
2 non-polymer 'FLAVIN MONONUCLEOTIDE'
3 non-polymer 'FLAVIN-ADENINE DINUCLEOTIDE'
4 water water
#
_entity_poly.entity_id   1
_entity_poly.type   'polypeptide(L)'
_entity_poly.pdbx_seq_one_letter_code
;GRRSGSGNSKRVEPLKPLVIKPREEEIDDGRKKVTIFFGTQTGTAEGFAKALGEEAKARYEKTRFKIVDLDDYAADDDEY
EEKLKKEDVAFFFLATYGDGEPTDNAARFYKWFTEGNDRGEWLKNLKYGVFGLGNRQYEHFNKVAKVVDDILVEQGAQRL
VQVGLGDDDQCIEDDFTAWREALWPELDTILREEGDTAVATPYTAAVLEYRVSIHDSEDAKFNDINMANGNGYTVFDAQH
PYKANVAVKRELHTPESDRSCIHLEFDIAGSGLTYETGDHVGVLCDNLSETVDEALRLLDMSPDTYFSLHAEKEDGTPIS
SSLPPPFPPCNLRTALTRYACLLSSPKKSALVALAAHASDPTEAERLKHLASPAGKDEYSKWVVESQRSLLEVMAEFPSA
KPPLGVFFAGVAPRLQPRFYSISSSPKIAETRIHVTCALVYEKMPTGRIHKGVCSTWMKNAVPYEKSENCSSAPIFVRQS
NFKLPSDSKVPIIMIGPGTGLAPFRGFLQERLALVESGVELGPSVLFFGCRNRRMDFIYEEELQRFVESGALAELSVAFS
REGPTKEYVQHKMMDKASDIWNMISQGAYLYVCGDAKGMARDVHRSLHTIAQEQGSMDSTKAEGFVKNLQTSGRYLRDVW
;
_entity_poly.pdbx_strand_id   A,B
#
# COMPACT_ATOMS: atom_id res chain seq x y z
N LYS A 32 -24.18 30.72 -35.99
CA LYS A 32 -23.79 30.71 -34.58
C LYS A 32 -23.66 29.29 -34.03
N LYS A 33 -22.57 29.03 -33.32
CA LYS A 33 -22.32 27.72 -32.73
C LYS A 33 -22.77 27.68 -31.28
N VAL A 34 -23.04 26.47 -30.78
CA VAL A 34 -23.16 26.28 -29.34
C VAL A 34 -22.38 25.04 -28.89
N THR A 35 -21.40 25.27 -28.01
CA THR A 35 -20.62 24.19 -27.43
C THR A 35 -20.95 24.03 -25.94
N ILE A 36 -21.22 22.80 -25.51
CA ILE A 36 -21.49 22.52 -24.11
C ILE A 36 -20.40 21.65 -23.46
N PHE A 37 -19.63 22.26 -22.55
CA PHE A 37 -18.52 21.56 -21.89
C PHE A 37 -18.96 20.91 -20.58
N PHE A 38 -18.28 19.83 -20.18
CA PHE A 38 -18.54 19.23 -18.88
C PHE A 38 -17.28 18.74 -18.15
N GLY A 39 -17.31 18.89 -16.83
CA GLY A 39 -16.33 18.30 -15.93
C GLY A 39 -17.08 17.49 -14.90
N THR A 40 -16.89 16.18 -14.93
CA THR A 40 -17.71 15.27 -14.13
C THR A 40 -16.88 14.11 -13.59
N GLN A 41 -17.33 13.52 -12.49
CA GLN A 41 -16.71 12.30 -12.02
C GLN A 41 -17.67 11.11 -12.09
N THR A 42 -18.85 11.27 -11.49
CA THR A 42 -19.86 10.20 -11.48
C THR A 42 -20.88 10.30 -12.63
N GLY A 43 -20.88 11.41 -13.35
CA GLY A 43 -21.66 11.52 -14.58
C GLY A 43 -22.86 12.45 -14.57
N THR A 44 -23.16 13.05 -13.42
CA THR A 44 -24.30 13.97 -13.29
C THR A 44 -24.13 15.23 -14.15
N ALA A 45 -22.96 15.87 -14.05
CA ALA A 45 -22.64 17.05 -14.87
C ALA A 45 -22.75 16.75 -16.37
N GLU A 46 -22.35 15.54 -16.75
CA GLU A 46 -22.42 15.10 -18.14
C GLU A 46 -23.85 14.83 -18.58
N GLY A 47 -24.66 14.29 -17.68
CA GLY A 47 -26.06 14.04 -17.95
C GLY A 47 -26.83 15.33 -18.19
N PHE A 48 -26.55 16.34 -17.36
CA PHE A 48 -27.18 17.65 -17.51
C PHE A 48 -26.77 18.31 -18.83
N ALA A 49 -25.52 18.09 -19.23
CA ALA A 49 -25.00 18.63 -20.49
C ALA A 49 -25.66 17.99 -21.70
N LYS A 50 -25.88 16.67 -21.64
CA LYS A 50 -26.62 15.95 -22.68
C LYS A 50 -28.06 16.46 -22.74
N ALA A 51 -28.69 16.57 -21.57
CA ALA A 51 -30.06 17.05 -21.43
C ALA A 51 -30.25 18.47 -22.01
N LEU A 52 -29.39 19.40 -21.63
CA LEU A 52 -29.48 20.78 -22.13
C LEU A 52 -29.38 20.83 -23.65
N GLY A 53 -28.46 20.05 -24.22
CA GLY A 53 -28.29 19.99 -25.66
C GLY A 53 -29.52 19.45 -26.37
N GLU A 54 -30.00 18.30 -25.91
CA GLU A 54 -31.20 17.67 -26.47
C GLU A 54 -32.39 18.63 -26.48
N GLU A 55 -32.63 19.28 -25.34
CA GLU A 55 -33.73 20.23 -25.22
C GLU A 55 -33.52 21.54 -25.99
N ALA A 56 -32.28 22.01 -26.05
CA ALA A 56 -31.98 23.22 -26.81
C ALA A 56 -32.09 22.97 -28.31
N LYS A 57 -31.90 21.71 -28.72
CA LYS A 57 -32.07 21.33 -30.12
C LYS A 57 -33.54 21.31 -30.52
N ALA A 58 -34.41 21.07 -29.55
CA ALA A 58 -35.85 21.16 -29.77
C ALA A 58 -36.30 22.59 -30.01
N ARG A 59 -35.89 23.51 -29.12
CA ARG A 59 -36.23 24.93 -29.24
C ARG A 59 -35.65 25.60 -30.49
N TYR A 60 -34.34 25.44 -30.71
CA TYR A 60 -33.66 26.11 -31.81
C TYR A 60 -33.14 25.09 -32.82
N GLU A 61 -34.06 24.45 -33.53
CA GLU A 61 -33.76 23.29 -34.38
C GLU A 61 -32.76 23.53 -35.53
N LYS A 62 -32.40 24.79 -35.76
CA LYS A 62 -31.48 25.11 -36.84
C LYS A 62 -30.02 25.15 -36.37
N THR A 63 -29.79 25.77 -35.21
CA THR A 63 -28.42 25.93 -34.72
C THR A 63 -27.78 24.59 -34.37
N ARG A 64 -26.49 24.47 -34.63
CA ARG A 64 -25.75 23.22 -34.41
C ARG A 64 -25.10 23.20 -33.04
N PHE A 65 -25.30 22.10 -32.31
CA PHE A 65 -24.78 21.96 -30.95
C PHE A 65 -23.64 20.96 -30.89
N LYS A 66 -22.93 20.94 -29.76
CA LYS A 66 -21.81 20.01 -29.57
C LYS A 66 -21.53 19.78 -28.09
N ILE A 67 -21.49 18.51 -27.69
CA ILE A 67 -21.21 18.13 -26.32
C ILE A 67 -19.77 17.65 -26.16
N VAL A 68 -19.00 18.39 -25.36
CA VAL A 68 -17.56 18.19 -25.25
C VAL A 68 -17.10 17.93 -23.81
N ASP A 69 -16.34 16.87 -23.63
CA ASP A 69 -15.59 16.64 -22.42
C ASP A 69 -14.40 17.60 -22.45
N LEU A 70 -14.15 18.32 -21.35
CA LEU A 70 -13.08 19.32 -21.31
C LEU A 70 -11.67 18.79 -21.57
N ASP A 71 -11.45 17.52 -21.26
CA ASP A 71 -10.16 16.88 -21.54
C ASP A 71 -9.96 16.62 -23.03
N ASP A 72 -11.05 16.27 -23.73
CA ASP A 72 -11.00 16.01 -25.16
C ASP A 72 -10.83 17.29 -25.99
N TYR A 73 -11.32 18.40 -25.44
CA TYR A 73 -11.40 19.68 -26.15
C TYR A 73 -10.05 20.18 -26.65
N ALA A 74 -9.00 19.91 -25.89
CA ALA A 74 -7.67 20.40 -26.25
C ALA A 74 -6.58 19.55 -25.60
N ALA A 75 -5.52 19.28 -26.36
CA ALA A 75 -4.40 18.46 -25.88
C ALA A 75 -3.46 19.24 -24.94
N ASP A 76 -3.22 20.51 -25.26
CA ASP A 76 -2.39 21.37 -24.42
C ASP A 76 -2.97 22.79 -24.31
N ASP A 77 -2.32 23.66 -23.54
CA ASP A 77 -2.85 24.99 -23.27
C ASP A 77 -3.00 25.86 -24.52
N ASP A 78 -2.00 25.81 -25.40
CA ASP A 78 -2.04 26.52 -26.68
C ASP A 78 -3.30 26.17 -27.48
N GLU A 79 -3.74 24.92 -27.33
CA GLU A 79 -4.93 24.43 -28.00
C GLU A 79 -6.22 24.96 -27.38
N TYR A 80 -6.28 25.02 -26.05
CA TYR A 80 -7.40 25.63 -25.34
C TYR A 80 -7.58 27.07 -25.82
N GLU A 81 -6.47 27.78 -25.94
CA GLU A 81 -6.50 29.18 -26.37
C GLU A 81 -7.06 29.35 -27.78
N GLU A 82 -6.48 28.64 -28.74
CA GLU A 82 -6.84 28.78 -30.14
C GLU A 82 -8.30 28.40 -30.38
N LYS A 83 -8.82 27.51 -29.54
CA LYS A 83 -10.19 27.02 -29.70
C LYS A 83 -11.25 27.90 -29.01
N LEU A 84 -10.98 28.29 -27.77
CA LEU A 84 -11.97 29.02 -26.96
C LEU A 84 -12.30 30.39 -27.57
N LYS A 85 -11.35 30.96 -28.30
CA LYS A 85 -11.57 32.25 -28.97
C LYS A 85 -12.50 32.10 -30.18
N LYS A 86 -12.49 30.93 -30.81
CA LYS A 86 -13.34 30.66 -31.97
C LYS A 86 -14.76 30.30 -31.57
N GLU A 87 -15.04 30.36 -30.27
CA GLU A 87 -16.36 30.01 -29.76
C GLU A 87 -17.34 31.16 -29.88
N ASP A 88 -18.61 30.82 -30.13
CA ASP A 88 -19.66 31.82 -30.12
C ASP A 88 -20.43 31.74 -28.81
N VAL A 89 -21.06 30.58 -28.59
CA VAL A 89 -21.80 30.31 -27.36
C VAL A 89 -21.25 29.06 -26.66
N ALA A 90 -21.04 29.16 -25.35
CA ALA A 90 -20.47 28.06 -24.58
C ALA A 90 -21.11 27.91 -23.20
N PHE A 91 -21.60 26.72 -22.90
CA PHE A 91 -22.09 26.43 -21.55
C PHE A 91 -21.16 25.46 -20.85
N PHE A 92 -20.94 25.69 -19.56
CA PHE A 92 -19.99 24.90 -18.77
C PHE A 92 -20.69 24.19 -17.63
N PHE A 93 -20.61 22.85 -17.61
CA PHE A 93 -21.17 22.06 -16.51
C PHE A 93 -20.06 21.51 -15.61
N LEU A 94 -19.73 22.27 -14.57
CA LEU A 94 -18.56 21.98 -13.75
C LEU A 94 -18.93 21.48 -12.35
N ALA A 95 -18.47 20.28 -12.02
CA ALA A 95 -18.68 19.74 -10.68
C ALA A 95 -17.42 19.95 -9.84
N THR A 96 -17.64 20.29 -8.57
CA THR A 96 -16.57 20.59 -7.63
C THR A 96 -16.29 19.40 -6.72
N TYR A 97 -15.03 19.02 -6.59
CA TYR A 97 -14.65 17.93 -5.69
C TYR A 97 -13.60 18.33 -4.67
N GLY A 98 -13.21 17.36 -3.83
CA GLY A 98 -12.26 17.51 -2.74
C GLY A 98 -11.57 18.84 -2.50
N ASP A 99 -11.95 19.51 -1.41
CA ASP A 99 -11.41 20.82 -1.04
C ASP A 99 -11.62 21.89 -2.11
N GLY A 100 -12.70 21.78 -2.87
CA GLY A 100 -13.04 22.78 -3.87
C GLY A 100 -12.28 22.70 -5.18
N GLU A 101 -11.71 21.54 -5.48
CA GLU A 101 -10.91 21.35 -6.70
C GLU A 101 -11.75 20.82 -7.87
N PRO A 102 -11.26 20.97 -9.10
CA PRO A 102 -11.98 20.44 -10.26
C PRO A 102 -11.95 18.92 -10.36
N THR A 103 -12.85 18.36 -11.15
CA THR A 103 -12.80 16.93 -11.47
C THR A 103 -11.55 16.65 -12.30
N ASP A 104 -11.17 15.38 -12.40
CA ASP A 104 -9.94 15.01 -13.09
C ASP A 104 -9.95 15.37 -14.58
N ASN A 105 -11.12 15.28 -15.20
CA ASN A 105 -11.25 15.58 -16.64
C ASN A 105 -11.30 17.07 -16.98
N ALA A 106 -11.19 17.92 -15.96
CA ALA A 106 -11.27 19.36 -16.17
C ALA A 106 -10.12 20.08 -15.44
N ALA A 107 -9.33 19.31 -14.71
CA ALA A 107 -8.21 19.83 -13.94
C ALA A 107 -7.20 20.55 -14.82
N ARG A 108 -7.03 20.04 -16.03
CA ARG A 108 -6.09 20.62 -16.98
C ARG A 108 -6.65 21.93 -17.55
N PHE A 109 -7.94 21.91 -17.89
CA PHE A 109 -8.62 23.13 -18.32
C PHE A 109 -8.63 24.17 -17.20
N TYR A 110 -8.98 23.73 -16.00
CA TYR A 110 -9.08 24.61 -14.83
C TYR A 110 -7.76 25.32 -14.49
N LYS A 111 -6.65 24.59 -14.57
CA LYS A 111 -5.34 25.14 -14.27
C LYS A 111 -4.91 26.19 -15.30
N TRP A 112 -5.12 25.89 -16.58
CA TRP A 112 -4.82 26.84 -17.66
C TRP A 112 -5.66 28.11 -17.55
N PHE A 113 -6.91 27.95 -17.16
CA PHE A 113 -7.87 29.05 -17.18
C PHE A 113 -7.79 29.94 -15.95
N THR A 114 -7.38 29.39 -14.81
CA THR A 114 -7.38 30.14 -13.56
C THR A 114 -6.01 30.52 -13.00
N GLU A 115 -4.95 29.97 -13.58
CA GLU A 115 -3.59 30.16 -13.06
C GLU A 115 -2.61 30.63 -14.14
N GLY A 116 -1.87 31.71 -13.84
CA GLY A 116 -1.05 32.38 -14.84
C GLY A 116 -1.96 32.86 -15.94
N ASN A 117 -3.14 33.31 -15.55
CA ASN A 117 -4.26 33.49 -16.47
C ASN A 117 -4.50 34.93 -16.92
N ASP A 118 -3.58 35.83 -16.60
CA ASP A 118 -3.74 37.24 -16.95
C ASP A 118 -3.60 37.46 -18.45
N ARG A 119 -4.72 37.41 -19.16
CA ARG A 119 -4.70 37.55 -20.61
C ARG A 119 -5.64 38.65 -21.13
N GLY A 120 -6.07 39.55 -20.24
CA GLY A 120 -6.93 40.65 -20.62
C GLY A 120 -8.28 40.21 -21.12
N GLU A 121 -8.93 41.03 -21.95
CA GLU A 121 -10.26 40.71 -22.46
C GLU A 121 -10.21 40.13 -23.89
N TRP A 122 -10.00 38.83 -23.98
CA TRP A 122 -9.78 38.14 -25.24
C TRP A 122 -10.99 37.31 -25.68
N LEU A 123 -12.08 37.40 -24.91
CA LEU A 123 -13.26 36.59 -25.19
C LEU A 123 -14.51 37.44 -25.43
N LYS A 124 -14.33 38.59 -26.07
CA LYS A 124 -15.42 39.54 -26.29
C LYS A 124 -16.52 38.99 -27.20
N ASN A 125 -16.15 38.05 -28.07
CA ASN A 125 -17.13 37.45 -28.98
C ASN A 125 -17.91 36.29 -28.35
N LEU A 126 -17.59 36.01 -27.09
CA LEU A 126 -18.14 34.83 -26.41
C LEU A 126 -19.44 35.14 -25.64
N LYS A 127 -20.43 34.29 -25.80
CA LYS A 127 -21.63 34.32 -24.97
C LYS A 127 -21.64 33.03 -24.13
N TYR A 128 -21.93 33.15 -22.84
CA TYR A 128 -21.83 31.98 -21.97
C TYR A 128 -22.81 31.92 -20.80
N GLY A 129 -22.88 30.73 -20.20
CA GLY A 129 -23.59 30.50 -18.96
C GLY A 129 -22.96 29.28 -18.31
N VAL A 130 -22.80 29.30 -16.99
CA VAL A 130 -22.24 28.14 -16.30
C VAL A 130 -23.13 27.66 -15.15
N PHE A 131 -23.54 26.40 -15.22
CA PHE A 131 -24.27 25.76 -14.13
C PHE A 131 -23.29 24.97 -13.29
N GLY A 132 -23.34 25.17 -11.98
CA GLY A 132 -22.42 24.50 -11.08
C GLY A 132 -23.02 23.32 -10.36
N LEU A 133 -22.25 22.25 -10.26
CA LEU A 133 -22.64 21.05 -9.53
C LEU A 133 -21.89 21.04 -8.19
N GLY A 134 -22.63 21.23 -7.10
CA GLY A 134 -22.00 21.31 -5.79
C GLY A 134 -22.79 20.66 -4.67
N ASN A 135 -22.40 20.97 -3.44
CA ASN A 135 -23.04 20.44 -2.25
C ASN A 135 -22.76 21.36 -1.07
N ARG A 136 -23.81 21.99 -0.56
CA ARG A 136 -23.68 23.01 0.48
C ARG A 136 -23.07 22.51 1.79
N GLN A 137 -23.02 21.19 1.96
CA GLN A 137 -22.42 20.59 3.16
C GLN A 137 -20.89 20.78 3.19
N TYR A 138 -20.31 21.18 2.07
CA TYR A 138 -18.85 21.34 1.97
C TYR A 138 -18.41 22.78 2.18
N GLU A 139 -17.19 22.93 2.69
CA GLU A 139 -16.56 24.24 2.89
C GLU A 139 -16.65 25.09 1.63
N HIS A 140 -16.12 24.57 0.52
CA HIS A 140 -16.07 25.30 -0.74
C HIS A 140 -17.20 24.90 -1.68
N PHE A 141 -18.38 25.46 -1.42
CA PHE A 141 -19.57 25.15 -2.20
C PHE A 141 -19.48 25.74 -3.62
N ASN A 142 -19.62 24.86 -4.62
CA ASN A 142 -19.52 25.24 -6.03
C ASN A 142 -18.34 26.15 -6.40
N LYS A 143 -17.21 25.92 -5.73
CA LYS A 143 -16.00 26.71 -5.92
C LYS A 143 -15.54 26.75 -7.39
N VAL A 144 -15.49 25.59 -8.03
CA VAL A 144 -15.04 25.49 -9.42
C VAL A 144 -15.92 26.31 -10.37
N ALA A 145 -17.22 26.15 -10.25
CA ALA A 145 -18.16 26.87 -11.12
C ALA A 145 -18.09 28.37 -10.92
N LYS A 146 -17.97 28.81 -9.67
CA LYS A 146 -17.90 30.23 -9.33
C LYS A 146 -16.64 30.88 -9.90
N VAL A 147 -15.51 30.18 -9.76
CA VAL A 147 -14.22 30.70 -10.22
C VAL A 147 -14.16 30.85 -11.75
N VAL A 148 -14.63 29.85 -12.48
CA VAL A 148 -14.63 29.90 -13.94
C VAL A 148 -15.61 30.96 -14.45
N ASP A 149 -16.75 31.09 -13.76
CA ASP A 149 -17.78 32.07 -14.10
C ASP A 149 -17.31 33.51 -13.92
N ASP A 150 -16.63 33.80 -12.81
CA ASP A 150 -16.12 35.13 -12.56
C ASP A 150 -15.07 35.55 -13.61
N ILE A 151 -14.10 34.68 -13.84
CA ILE A 151 -13.03 34.93 -14.81
C ILE A 151 -13.55 35.18 -16.23
N LEU A 152 -14.54 34.40 -16.65
CA LEU A 152 -15.11 34.56 -17.98
C LEU A 152 -15.60 35.98 -18.25
N VAL A 153 -16.30 36.57 -17.29
CA VAL A 153 -16.82 37.92 -17.48
C VAL A 153 -15.72 38.98 -17.32
N GLU A 154 -14.77 38.73 -16.41
CA GLU A 154 -13.61 39.60 -16.25
C GLU A 154 -12.78 39.67 -17.53
N GLN A 155 -12.81 38.58 -18.30
CA GLN A 155 -12.00 38.51 -19.51
C GLN A 155 -12.80 38.76 -20.78
N GLY A 156 -13.95 39.42 -20.65
CA GLY A 156 -14.67 39.92 -21.81
C GLY A 156 -15.98 39.24 -22.22
N ALA A 157 -16.11 37.95 -21.93
CA ALA A 157 -17.30 37.20 -22.32
C ALA A 157 -18.57 37.77 -21.69
N GLN A 158 -19.72 37.45 -22.27
CA GLN A 158 -20.99 38.01 -21.82
C GLN A 158 -21.95 36.98 -21.22
N ARG A 159 -22.35 37.20 -19.97
CA ARG A 159 -23.30 36.32 -19.27
C ARG A 159 -24.68 36.26 -19.91
N LEU A 160 -25.18 35.05 -20.12
CA LEU A 160 -26.51 34.84 -20.65
C LEU A 160 -27.43 34.52 -19.50
N VAL A 161 -26.83 34.12 -18.39
CA VAL A 161 -27.55 33.67 -17.22
C VAL A 161 -26.60 33.72 -16.02
N GLN A 162 -27.14 33.95 -14.83
CA GLN A 162 -26.33 33.92 -13.62
C GLN A 162 -25.85 32.48 -13.38
N VAL A 163 -24.75 32.34 -12.63
CA VAL A 163 -24.19 31.02 -12.34
C VAL A 163 -25.18 30.15 -11.55
N GLY A 164 -25.37 28.91 -12.01
CA GLY A 164 -26.22 27.95 -11.33
C GLY A 164 -25.54 27.39 -10.10
N LEU A 165 -26.30 27.25 -9.01
CA LEU A 165 -25.75 26.74 -7.77
C LEU A 165 -26.54 25.54 -7.25
N GLY A 166 -26.50 24.44 -8.00
CA GLY A 166 -27.16 23.22 -7.58
C GLY A 166 -26.41 22.53 -6.46
N ASP A 167 -27.11 22.15 -5.41
CA ASP A 167 -26.48 21.39 -4.32
C ASP A 167 -27.10 20.01 -4.18
N ASP A 168 -26.25 19.02 -3.94
CA ASP A 168 -26.65 17.62 -4.02
C ASP A 168 -27.35 17.12 -2.75
N ASP A 169 -27.22 17.85 -1.64
CA ASP A 169 -27.89 17.46 -0.39
C ASP A 169 -29.36 17.88 -0.41
N GLN A 170 -29.69 18.79 -1.32
CA GLN A 170 -31.07 19.11 -1.67
C GLN A 170 -31.35 18.53 -3.05
N CYS A 171 -32.25 19.13 -3.82
CA CYS A 171 -32.54 18.61 -5.15
C CYS A 171 -31.81 19.40 -6.25
N ILE A 172 -30.76 18.79 -6.79
CA ILE A 172 -29.93 19.46 -7.78
C ILE A 172 -30.61 19.57 -9.14
N GLU A 173 -31.48 18.61 -9.44
CA GLU A 173 -32.25 18.63 -10.68
C GLU A 173 -33.18 19.84 -10.73
N ASP A 174 -33.75 20.20 -9.58
CA ASP A 174 -34.69 21.32 -9.47
C ASP A 174 -33.99 22.64 -9.76
N ASP A 175 -32.74 22.75 -9.31
CA ASP A 175 -31.96 23.94 -9.58
C ASP A 175 -31.57 23.98 -11.06
N PHE A 176 -31.42 22.81 -11.66
CA PHE A 176 -31.09 22.70 -13.08
C PHE A 176 -32.22 23.27 -13.93
N THR A 177 -33.45 22.86 -13.63
CA THR A 177 -34.60 23.34 -14.41
C THR A 177 -34.83 24.85 -14.21
N ALA A 178 -34.62 25.34 -13.00
CA ALA A 178 -34.70 26.77 -12.74
C ALA A 178 -33.65 27.55 -13.54
N TRP A 179 -32.42 27.07 -13.51
CA TRP A 179 -31.33 27.64 -14.31
C TRP A 179 -31.68 27.63 -15.80
N ARG A 180 -32.16 26.49 -16.28
CA ARG A 180 -32.59 26.34 -17.66
C ARG A 180 -33.68 27.35 -18.03
N GLU A 181 -34.69 27.46 -17.17
CA GLU A 181 -35.78 28.42 -17.36
C GLU A 181 -35.28 29.87 -17.37
N ALA A 182 -34.22 30.14 -16.62
CA ALA A 182 -33.61 31.47 -16.62
C ALA A 182 -32.81 31.73 -17.90
N LEU A 183 -32.31 30.66 -18.50
CA LEU A 183 -31.45 30.76 -19.68
C LEU A 183 -32.20 31.09 -20.97
N TRP A 184 -33.35 30.46 -21.18
CA TRP A 184 -34.05 30.58 -22.47
C TRP A 184 -34.34 32.02 -22.93
N PRO A 185 -34.94 32.87 -22.05
CA PRO A 185 -35.18 34.27 -22.42
C PRO A 185 -33.98 34.95 -23.07
N GLU A 186 -32.79 34.79 -22.50
CA GLU A 186 -31.58 35.38 -23.07
C GLU A 186 -31.05 34.57 -24.26
N LEU A 187 -31.25 33.26 -24.23
CA LEU A 187 -30.80 32.42 -25.33
C LEU A 187 -31.72 32.54 -26.55
N ASP A 188 -33.02 32.75 -26.30
CA ASP A 188 -33.98 32.91 -27.37
C ASP A 188 -33.68 34.13 -28.24
N THR A 189 -33.36 35.26 -27.61
CA THR A 189 -33.01 36.47 -28.34
C THR A 189 -31.51 36.57 -28.61
N ILE A 190 -30.90 35.41 -28.89
CA ILE A 190 -29.50 35.34 -29.30
C ILE A 190 -29.35 34.34 -30.44
N LEU A 191 -30.20 33.31 -30.43
CA LEU A 191 -30.22 32.30 -31.48
C LEU A 191 -31.30 32.57 -32.54
N TYR A 233 10.24 15.08 -40.28
CA TYR A 233 9.61 15.85 -39.22
C TYR A 233 8.23 15.29 -38.88
N THR A 234 8.05 14.91 -37.62
CA THR A 234 6.72 14.47 -37.20
C THR A 234 6.29 15.13 -35.92
N VAL A 235 4.97 15.28 -35.79
CA VAL A 235 4.34 15.59 -34.54
C VAL A 235 3.99 14.26 -33.90
N PHE A 236 4.53 14.00 -32.72
CA PHE A 236 4.11 12.85 -31.94
C PHE A 236 3.07 13.30 -30.93
N ASP A 237 1.96 12.59 -30.88
CA ASP A 237 0.92 12.86 -29.89
C ASP A 237 0.19 11.56 -29.55
N ALA A 238 -0.94 11.65 -28.86
CA ALA A 238 -1.65 10.44 -28.41
C ALA A 238 -2.16 9.55 -29.54
N GLN A 239 -2.42 10.13 -30.71
CA GLN A 239 -2.91 9.35 -31.84
C GLN A 239 -1.75 8.84 -32.70
N HIS A 240 -0.63 9.54 -32.65
CA HIS A 240 0.56 9.14 -33.39
C HIS A 240 1.75 9.13 -32.46
N PRO A 241 1.83 8.13 -31.59
CA PRO A 241 2.88 8.13 -30.58
C PRO A 241 4.20 7.67 -31.16
N TYR A 242 5.29 7.96 -30.45
CA TYR A 242 6.58 7.43 -30.83
C TYR A 242 6.86 6.16 -30.03
N LYS A 243 7.38 5.14 -30.70
CA LYS A 243 7.72 3.89 -30.02
C LYS A 243 9.14 3.94 -29.43
N ALA A 244 9.24 4.15 -28.13
CA ALA A 244 10.54 4.33 -27.50
C ALA A 244 11.01 3.09 -26.72
N ASN A 245 12.26 2.71 -26.89
CA ASN A 245 12.87 1.69 -26.05
C ASN A 245 13.02 2.15 -24.62
N VAL A 246 12.89 1.20 -23.70
CA VAL A 246 13.25 1.43 -22.32
C VAL A 246 14.75 1.15 -22.20
N ALA A 247 15.52 2.22 -22.00
CA ALA A 247 16.97 2.11 -21.91
C ALA A 247 17.42 1.77 -20.50
N VAL A 248 16.76 2.35 -19.51
CA VAL A 248 17.14 2.17 -18.12
C VAL A 248 15.91 1.91 -17.26
N LYS A 249 16.00 0.92 -16.38
CA LYS A 249 14.91 0.62 -15.47
C LYS A 249 15.50 0.23 -14.11
N ARG A 250 15.20 1.03 -13.09
CA ARG A 250 15.96 0.99 -11.85
C ARG A 250 15.08 1.27 -10.64
N GLU A 251 15.17 0.44 -9.61
CA GLU A 251 14.47 0.70 -8.37
C GLU A 251 15.15 1.83 -7.57
N LEU A 252 14.37 2.78 -7.09
CA LEU A 252 14.94 3.93 -6.35
C LEU A 252 14.93 3.73 -4.85
N HIS A 253 13.96 2.96 -4.35
CA HIS A 253 13.92 2.57 -2.94
C HIS A 253 15.00 1.53 -2.67
N THR A 254 15.34 1.37 -1.40
CA THR A 254 16.23 0.30 -0.96
C THR A 254 15.44 -1.00 -0.92
N PRO A 255 16.15 -2.15 -0.87
CA PRO A 255 15.47 -3.45 -0.73
C PRO A 255 14.49 -3.49 0.45
N GLU A 256 14.84 -2.83 1.55
CA GLU A 256 14.03 -2.90 2.76
C GLU A 256 12.63 -2.31 2.61
N SER A 257 12.46 -1.45 1.62
CA SER A 257 11.19 -0.76 1.44
C SER A 257 10.05 -1.72 1.12
N ASP A 258 8.88 -1.44 1.67
CA ASP A 258 7.69 -2.23 1.37
C ASP A 258 6.99 -1.69 0.12
N ARG A 259 7.42 -0.52 -0.33
CA ARG A 259 6.88 0.06 -1.58
C ARG A 259 7.92 0.04 -2.70
N SER A 260 7.65 0.80 -3.74
CA SER A 260 8.53 0.83 -4.89
C SER A 260 8.39 2.13 -5.70
N CYS A 261 9.52 2.63 -6.14
CA CYS A 261 9.54 3.79 -7.02
C CYS A 261 10.55 3.55 -8.12
N ILE A 262 10.08 3.47 -9.36
CA ILE A 262 10.95 3.15 -10.50
C ILE A 262 11.57 4.38 -11.15
N HIS A 263 12.87 4.33 -11.40
CA HIS A 263 13.50 5.27 -12.31
C HIS A 263 13.58 4.60 -13.68
N LEU A 264 13.04 5.26 -14.69
CA LEU A 264 13.01 4.70 -16.03
C LEU A 264 13.44 5.73 -17.05
N GLU A 265 14.25 5.32 -18.02
CA GLU A 265 14.61 6.23 -19.09
C GLU A 265 14.16 5.71 -20.46
N PHE A 266 13.35 6.51 -21.16
CA PHE A 266 13.00 6.26 -22.55
C PHE A 266 14.05 6.83 -23.49
N ASP A 267 14.47 6.00 -24.45
CA ASP A 267 15.44 6.40 -25.45
C ASP A 267 14.74 7.13 -26.61
N ILE A 268 15.14 8.37 -26.88
CA ILE A 268 14.57 9.15 -27.97
C ILE A 268 15.65 9.63 -28.96
N ALA A 269 16.83 9.03 -28.88
CA ALA A 269 17.89 9.32 -29.83
C ALA A 269 17.43 9.07 -31.28
N GLY A 270 17.47 10.11 -32.11
CA GLY A 270 17.15 9.99 -33.52
C GLY A 270 15.69 10.16 -33.87
N SER A 271 14.86 10.40 -32.87
CA SER A 271 13.41 10.34 -33.06
C SER A 271 12.80 11.65 -33.54
N GLY A 272 13.43 12.77 -33.20
CA GLY A 272 12.85 14.06 -33.49
C GLY A 272 11.97 14.53 -32.35
N LEU A 273 11.60 13.60 -31.48
CA LEU A 273 10.80 13.92 -30.30
C LEU A 273 11.54 14.95 -29.42
N THR A 274 10.81 15.96 -28.96
CA THR A 274 11.43 17.07 -28.24
C THR A 274 10.71 17.27 -26.91
N TYR A 275 11.45 17.65 -25.88
CA TYR A 275 10.84 18.00 -24.61
C TYR A 275 11.59 19.13 -23.93
N GLU A 276 10.90 19.82 -23.02
CA GLU A 276 11.51 20.86 -22.20
C GLU A 276 11.41 20.49 -20.73
N THR A 277 12.27 21.11 -19.92
CA THR A 277 12.20 20.95 -18.48
C THR A 277 10.80 21.25 -17.95
N GLY A 278 10.21 20.31 -17.23
CA GLY A 278 8.89 20.50 -16.64
C GLY A 278 7.73 20.03 -17.48
N ASP A 279 8.00 19.53 -18.68
CA ASP A 279 6.95 18.95 -19.53
C ASP A 279 6.48 17.60 -18.99
N HIS A 280 5.43 17.05 -19.61
CA HIS A 280 4.92 15.75 -19.26
C HIS A 280 5.16 14.79 -20.40
N VAL A 281 5.30 13.52 -20.07
CA VAL A 281 5.36 12.46 -21.06
C VAL A 281 4.16 11.54 -20.89
N GLY A 282 3.42 11.35 -21.98
CA GLY A 282 2.30 10.44 -21.96
C GLY A 282 2.71 9.07 -22.45
N VAL A 283 2.20 8.04 -21.79
CA VAL A 283 2.56 6.67 -22.08
C VAL A 283 1.30 5.86 -22.27
N LEU A 284 1.18 5.21 -23.43
CA LEU A 284 0.05 4.33 -23.72
C LEU A 284 0.28 2.93 -23.14
N CYS A 285 -0.74 2.39 -22.48
CA CYS A 285 -0.59 1.14 -21.73
C CYS A 285 -1.71 0.16 -22.00
N ASP A 286 -1.42 -1.13 -21.85
CA ASP A 286 -2.43 -2.17 -21.99
C ASP A 286 -2.96 -2.59 -20.63
N ASN A 287 -4.22 -3.04 -20.57
CA ASN A 287 -4.70 -3.72 -19.39
C ASN A 287 -3.90 -4.99 -19.16
N LEU A 288 -3.74 -5.36 -17.90
CA LEU A 288 -3.08 -6.61 -17.55
C LEU A 288 -3.96 -7.76 -18.04
N SER A 289 -3.36 -8.90 -18.34
CA SER A 289 -4.10 -9.99 -18.98
C SER A 289 -5.16 -10.57 -18.05
N GLU A 290 -4.91 -10.55 -16.74
CA GLU A 290 -5.91 -10.99 -15.77
C GLU A 290 -7.21 -10.16 -15.89
N THR A 291 -7.04 -8.86 -16.10
CA THR A 291 -8.17 -7.94 -16.28
C THR A 291 -8.97 -8.29 -17.53
N VAL A 292 -8.27 -8.58 -18.62
CA VAL A 292 -8.91 -8.89 -19.90
C VAL A 292 -9.64 -10.23 -19.88
N ASP A 293 -9.00 -11.24 -19.27
CA ASP A 293 -9.59 -12.57 -19.12
C ASP A 293 -10.95 -12.49 -18.42
N GLU A 294 -11.01 -11.69 -17.37
CA GLU A 294 -12.23 -11.52 -16.60
C GLU A 294 -13.31 -10.77 -17.39
N ALA A 295 -12.92 -9.71 -18.09
CA ALA A 295 -13.87 -8.99 -18.95
C ALA A 295 -14.37 -9.90 -20.07
N LEU A 296 -13.50 -10.79 -20.55
CA LEU A 296 -13.91 -11.78 -21.56
C LEU A 296 -14.94 -12.77 -21.00
N ARG A 297 -14.79 -13.12 -19.72
CA ARG A 297 -15.72 -14.04 -19.07
C ARG A 297 -17.10 -13.42 -18.93
N LEU A 298 -17.14 -12.13 -18.58
CA LEU A 298 -18.40 -11.45 -18.30
C LEU A 298 -19.18 -11.17 -19.57
N LEU A 299 -18.48 -10.82 -20.63
CA LEU A 299 -19.14 -10.55 -21.90
C LEU A 299 -19.53 -11.85 -22.61
N ASP A 300 -18.85 -12.94 -22.27
CA ASP A 300 -19.24 -14.30 -22.68
C ASP A 300 -19.15 -14.53 -24.20
N MET A 301 -18.30 -13.77 -24.87
CA MET A 301 -18.06 -13.99 -26.29
C MET A 301 -16.60 -14.35 -26.56
N SER A 302 -16.36 -14.96 -27.70
CA SER A 302 -15.02 -15.35 -28.12
C SER A 302 -14.04 -14.17 -28.13
N PRO A 303 -12.77 -14.43 -27.78
CA PRO A 303 -11.67 -13.47 -27.85
C PRO A 303 -11.51 -12.91 -29.26
N ASP A 304 -11.89 -13.71 -30.25
CA ASP A 304 -11.65 -13.38 -31.65
C ASP A 304 -12.82 -12.67 -32.32
N THR A 305 -13.86 -12.34 -31.54
CA THR A 305 -15.00 -11.58 -32.06
C THR A 305 -14.52 -10.28 -32.74
N TYR A 306 -14.86 -10.11 -34.01
CA TYR A 306 -14.57 -8.88 -34.74
C TYR A 306 -15.83 -8.02 -34.72
N PHE A 307 -15.66 -6.70 -34.65
CA PHE A 307 -16.82 -5.82 -34.51
C PHE A 307 -16.65 -4.40 -35.08
N SER A 308 -17.80 -3.75 -35.29
CA SER A 308 -17.90 -2.53 -36.10
C SER A 308 -17.62 -1.21 -35.37
N LEU A 309 -18.63 -0.69 -34.68
CA LEU A 309 -18.60 0.64 -34.07
C LEU A 309 -18.51 1.77 -35.10
N PRO A 326 -13.25 6.87 -32.05
CA PRO A 326 -13.61 5.62 -32.73
C PRO A 326 -12.35 4.86 -33.12
N PHE A 327 -11.87 3.98 -32.22
CA PHE A 327 -10.64 3.24 -32.46
C PHE A 327 -10.74 2.31 -33.68
N PRO A 328 -9.59 2.02 -34.32
CA PRO A 328 -9.57 1.15 -35.50
C PRO A 328 -10.02 -0.28 -35.17
N PRO A 329 -10.69 -0.95 -36.12
CA PRO A 329 -11.24 -2.30 -35.94
C PRO A 329 -10.20 -3.33 -35.52
N CYS A 330 -10.64 -4.27 -34.68
CA CYS A 330 -9.77 -5.27 -34.06
C CYS A 330 -10.67 -6.32 -33.43
N ASN A 331 -10.09 -7.40 -32.93
CA ASN A 331 -10.87 -8.37 -32.20
C ASN A 331 -11.20 -7.94 -30.75
N LEU A 332 -12.10 -8.66 -30.10
CA LEU A 332 -12.57 -8.28 -28.77
C LEU A 332 -11.46 -8.24 -27.72
N ARG A 333 -10.59 -9.25 -27.73
CA ARG A 333 -9.48 -9.31 -26.78
C ARG A 333 -8.57 -8.09 -26.92
N THR A 334 -8.32 -7.69 -28.16
CA THR A 334 -7.49 -6.52 -28.42
C THR A 334 -8.17 -5.23 -27.94
N ALA A 335 -9.45 -5.06 -28.27
CA ALA A 335 -10.19 -3.90 -27.81
C ALA A 335 -10.22 -3.75 -26.27
N LEU A 336 -10.42 -4.88 -25.57
CA LEU A 336 -10.46 -4.89 -24.12
C LEU A 336 -9.10 -4.58 -23.55
N THR A 337 -8.06 -5.07 -24.22
CA THR A 337 -6.69 -4.86 -23.78
C THR A 337 -6.25 -3.40 -23.94
N ARG A 338 -6.64 -2.77 -25.04
CA ARG A 338 -6.06 -1.49 -25.43
C ARG A 338 -6.96 -0.26 -25.27
N TYR A 339 -8.27 -0.43 -25.39
CA TYR A 339 -9.18 0.72 -25.42
C TYR A 339 -10.22 0.76 -24.32
N ALA A 340 -10.34 -0.30 -23.54
CA ALA A 340 -11.36 -0.35 -22.50
C ALA A 340 -10.80 0.02 -21.11
N CYS A 341 -11.35 1.05 -20.50
CA CYS A 341 -11.10 1.30 -19.09
C CYS A 341 -12.04 0.42 -18.27
N LEU A 342 -11.50 -0.62 -17.64
CA LEU A 342 -12.31 -1.63 -16.99
C LEU A 342 -12.36 -1.52 -15.47
N LEU A 343 -11.32 -0.94 -14.87
CA LEU A 343 -11.15 -0.96 -13.42
C LEU A 343 -11.66 0.30 -12.71
N SER A 344 -12.11 1.30 -13.46
CA SER A 344 -12.68 2.49 -12.85
C SER A 344 -14.13 2.24 -12.42
N SER A 345 -14.65 3.09 -11.54
CA SER A 345 -16.03 2.98 -11.07
C SER A 345 -17.01 3.51 -12.10
N PRO A 346 -18.07 2.74 -12.38
CA PRO A 346 -19.08 3.10 -13.38
C PRO A 346 -19.83 4.40 -13.10
N LYS A 347 -19.79 5.35 -14.04
CA LYS A 347 -20.66 6.51 -14.02
C LYS A 347 -22.13 6.08 -14.03
N LYS A 348 -23.02 6.97 -13.60
CA LYS A 348 -24.45 6.66 -13.52
C LYS A 348 -25.02 6.32 -14.90
N SER A 349 -24.53 6.98 -15.95
CA SER A 349 -25.00 6.70 -17.31
C SER A 349 -24.53 5.33 -17.80
N ALA A 350 -23.43 4.84 -17.23
CA ALA A 350 -22.95 3.50 -17.58
C ALA A 350 -23.90 2.48 -16.97
N LEU A 351 -24.37 2.76 -15.75
CA LEU A 351 -25.36 1.90 -15.10
C LEU A 351 -26.66 1.87 -15.90
N VAL A 352 -27.07 3.04 -16.40
CA VAL A 352 -28.26 3.12 -17.26
C VAL A 352 -28.10 2.28 -18.53
N ALA A 353 -26.94 2.38 -19.17
CA ALA A 353 -26.66 1.60 -20.37
C ALA A 353 -26.70 0.09 -20.12
N LEU A 354 -26.12 -0.36 -19.01
CA LEU A 354 -26.21 -1.77 -18.63
C LEU A 354 -27.65 -2.19 -18.39
N ALA A 355 -28.39 -1.35 -17.68
CA ALA A 355 -29.78 -1.64 -17.32
C ALA A 355 -30.70 -1.86 -18.51
N ALA A 356 -30.38 -1.25 -19.65
CA ALA A 356 -31.22 -1.40 -20.84
C ALA A 356 -31.05 -2.78 -21.48
N HIS A 357 -30.00 -3.50 -21.07
CA HIS A 357 -29.74 -4.83 -21.61
C HIS A 357 -29.63 -5.90 -20.52
N ALA A 358 -30.21 -5.61 -19.36
CA ALA A 358 -30.30 -6.59 -18.29
C ALA A 358 -31.55 -7.45 -18.49
N SER A 359 -31.39 -8.77 -18.46
CA SER A 359 -32.49 -9.70 -18.72
C SER A 359 -33.44 -9.84 -17.55
N ASP A 360 -32.87 -9.84 -16.34
CA ASP A 360 -33.67 -9.92 -15.12
C ASP A 360 -34.21 -8.56 -14.71
N PRO A 361 -35.54 -8.44 -14.64
CA PRO A 361 -36.23 -7.17 -14.37
C PRO A 361 -35.84 -6.55 -13.03
N THR A 362 -35.49 -7.37 -12.04
CA THR A 362 -35.09 -6.82 -10.74
C THR A 362 -33.65 -6.29 -10.80
N GLU A 363 -32.84 -6.87 -11.69
CA GLU A 363 -31.51 -6.34 -11.93
C GLU A 363 -31.56 -5.05 -12.75
N ALA A 364 -32.48 -4.99 -13.71
CA ALA A 364 -32.65 -3.80 -14.53
C ALA A 364 -33.12 -2.64 -13.66
N GLU A 365 -34.08 -2.93 -12.77
CA GLU A 365 -34.64 -1.93 -11.87
C GLU A 365 -33.61 -1.44 -10.84
N ARG A 366 -32.80 -2.35 -10.32
CA ARG A 366 -31.76 -1.99 -9.35
C ARG A 366 -30.66 -1.11 -9.97
N LEU A 367 -30.22 -1.46 -11.18
CA LEU A 367 -29.26 -0.63 -11.89
C LEU A 367 -29.82 0.75 -12.15
N LYS A 368 -31.08 0.81 -12.60
CA LYS A 368 -31.75 2.09 -12.86
C LYS A 368 -31.87 2.90 -11.59
N HIS A 369 -32.32 2.25 -10.52
CA HIS A 369 -32.40 2.88 -9.20
C HIS A 369 -31.05 3.49 -8.79
N LEU A 370 -29.97 2.73 -9.00
CA LEU A 370 -28.64 3.20 -8.61
C LEU A 370 -28.22 4.41 -9.44
N ALA A 371 -28.81 4.55 -10.62
CA ALA A 371 -28.50 5.69 -11.48
C ALA A 371 -29.41 6.89 -11.21
N SER A 372 -30.50 6.67 -10.49
CA SER A 372 -31.51 7.71 -10.27
C SER A 372 -31.22 8.55 -9.02
N PRO A 373 -31.82 9.75 -8.94
CA PRO A 373 -31.77 10.59 -7.73
C PRO A 373 -32.05 9.82 -6.44
N ALA A 374 -33.14 9.04 -6.43
CA ALA A 374 -33.52 8.29 -5.23
C ALA A 374 -32.41 7.33 -4.75
N GLY A 375 -31.62 6.83 -5.70
CA GLY A 375 -30.55 5.90 -5.38
C GLY A 375 -29.18 6.54 -5.18
N LYS A 376 -29.16 7.86 -5.01
CA LYS A 376 -27.91 8.63 -4.92
C LYS A 376 -26.97 8.21 -3.78
N ASP A 377 -27.52 8.01 -2.59
CA ASP A 377 -26.70 7.65 -1.43
C ASP A 377 -26.25 6.19 -1.50
N GLU A 378 -27.07 5.36 -2.14
CA GLU A 378 -26.69 4.00 -2.48
C GLU A 378 -25.51 3.99 -3.46
N TYR A 379 -25.66 4.74 -4.55
CA TYR A 379 -24.59 4.89 -5.54
C TYR A 379 -23.31 5.37 -4.90
N SER A 380 -23.39 6.45 -4.15
CA SER A 380 -22.23 7.03 -3.48
C SER A 380 -21.51 6.02 -2.57
N LYS A 381 -22.28 5.15 -1.93
CA LYS A 381 -21.71 4.20 -0.98
C LYS A 381 -21.29 2.90 -1.64
N TRP A 382 -22.19 2.28 -2.37
CA TRP A 382 -21.90 0.98 -2.96
C TRP A 382 -20.91 1.06 -4.14
N VAL A 383 -20.98 2.14 -4.90
CA VAL A 383 -20.12 2.26 -6.07
C VAL A 383 -18.88 3.10 -5.82
N VAL A 384 -19.07 4.35 -5.45
CA VAL A 384 -17.99 5.34 -5.42
C VAL A 384 -17.07 5.18 -4.22
N GLU A 385 -17.64 5.01 -3.03
CA GLU A 385 -16.83 4.91 -1.82
C GLU A 385 -16.10 3.56 -1.76
N SER A 386 -16.76 2.51 -2.21
CA SER A 386 -16.19 1.17 -2.24
C SER A 386 -15.22 0.96 -3.41
N GLN A 387 -15.19 1.94 -4.32
CA GLN A 387 -14.28 1.92 -5.47
C GLN A 387 -14.45 0.64 -6.28
N ARG A 388 -15.70 0.31 -6.60
CA ARG A 388 -16.01 -0.90 -7.35
C ARG A 388 -15.70 -0.70 -8.81
N SER A 389 -14.86 -1.58 -9.36
CA SER A 389 -14.56 -1.53 -10.78
C SER A 389 -15.82 -1.85 -11.58
N LEU A 390 -15.77 -1.57 -12.88
CA LEU A 390 -16.86 -1.96 -13.77
C LEU A 390 -17.01 -3.48 -13.77
N LEU A 391 -15.90 -4.20 -13.70
CA LEU A 391 -15.95 -5.66 -13.72
C LEU A 391 -16.65 -6.25 -12.50
N GLU A 392 -16.45 -5.65 -11.34
CA GLU A 392 -17.17 -6.06 -10.14
C GLU A 392 -18.68 -5.86 -10.27
N VAL A 393 -19.08 -4.68 -10.74
CA VAL A 393 -20.48 -4.36 -10.93
C VAL A 393 -21.16 -5.29 -11.91
N MET A 394 -20.52 -5.55 -13.05
CA MET A 394 -21.11 -6.44 -14.04
C MET A 394 -21.27 -7.85 -13.48
N ALA A 395 -20.35 -8.26 -12.61
CA ALA A 395 -20.43 -9.56 -11.97
C ALA A 395 -21.64 -9.66 -11.05
N GLU A 396 -21.97 -8.56 -10.36
CA GLU A 396 -23.15 -8.49 -9.49
C GLU A 396 -24.44 -8.49 -10.28
N PHE A 397 -24.36 -8.11 -11.56
CA PHE A 397 -25.53 -8.09 -12.43
C PHE A 397 -25.29 -8.93 -13.66
N PRO A 398 -25.29 -10.27 -13.49
CA PRO A 398 -24.92 -11.23 -14.53
C PRO A 398 -25.81 -11.18 -15.76
N SER A 399 -27.02 -10.65 -15.63
CA SER A 399 -27.95 -10.61 -16.76
C SER A 399 -27.77 -9.38 -17.64
N ALA A 400 -26.94 -8.43 -17.20
CA ALA A 400 -26.62 -7.27 -18.02
C ALA A 400 -25.62 -7.69 -19.10
N LYS A 401 -26.10 -7.88 -20.32
CA LYS A 401 -25.25 -8.27 -21.44
C LYS A 401 -25.35 -7.23 -22.56
N PRO A 402 -24.58 -6.13 -22.44
CA PRO A 402 -24.63 -5.09 -23.47
C PRO A 402 -23.98 -5.55 -24.78
N PRO A 403 -24.54 -5.08 -25.91
CA PRO A 403 -23.91 -5.26 -27.23
C PRO A 403 -22.58 -4.53 -27.24
N LEU A 404 -21.62 -5.02 -28.03
CA LEU A 404 -20.30 -4.41 -28.09
C LEU A 404 -20.32 -2.91 -28.44
N GLY A 405 -21.28 -2.50 -29.26
CA GLY A 405 -21.45 -1.10 -29.61
C GLY A 405 -21.76 -0.24 -28.40
N VAL A 406 -22.62 -0.76 -27.52
CA VAL A 406 -23.01 -0.06 -26.30
C VAL A 406 -21.89 -0.11 -25.27
N PHE A 407 -21.23 -1.27 -25.16
CA PHE A 407 -20.19 -1.45 -24.16
C PHE A 407 -19.01 -0.48 -24.37
N PHE A 408 -18.59 -0.34 -25.62
CA PHE A 408 -17.45 0.53 -25.94
C PHE A 408 -17.84 1.99 -26.15
N ALA A 409 -19.13 2.27 -26.13
CA ALA A 409 -19.60 3.64 -26.06
C ALA A 409 -19.84 3.97 -24.59
N GLY A 410 -21.08 3.79 -24.16
CA GLY A 410 -21.50 4.27 -22.85
C GLY A 410 -21.26 3.42 -21.61
N VAL A 411 -20.62 2.26 -21.71
CA VAL A 411 -20.36 1.47 -20.51
C VAL A 411 -18.91 1.58 -20.05
N ALA A 412 -17.98 1.24 -20.92
CA ALA A 412 -16.55 1.28 -20.57
C ALA A 412 -15.88 2.47 -21.24
N PRO A 413 -15.44 3.46 -20.44
CA PRO A 413 -14.75 4.61 -21.02
C PRO A 413 -13.45 4.19 -21.72
N ARG A 414 -12.94 5.07 -22.58
CA ARG A 414 -11.72 4.81 -23.32
C ARG A 414 -10.54 4.76 -22.37
N LEU A 415 -9.65 3.81 -22.57
CA LEU A 415 -8.46 3.71 -21.73
C LEU A 415 -7.51 4.87 -22.06
N GLN A 416 -7.15 5.65 -21.03
CA GLN A 416 -6.35 6.86 -21.21
C GLN A 416 -4.84 6.62 -21.12
N PRO A 417 -4.05 7.47 -21.81
CA PRO A 417 -2.61 7.45 -21.52
C PRO A 417 -2.37 7.92 -20.10
N ARG A 418 -1.25 7.51 -19.51
CA ARG A 418 -0.85 8.06 -18.22
C ARG A 418 0.27 9.08 -18.41
N PHE A 419 0.23 10.16 -17.64
CA PHE A 419 1.23 11.21 -17.80
C PHE A 419 2.22 11.22 -16.65
N TYR A 420 3.49 11.52 -16.96
CA TYR A 420 4.52 11.62 -15.93
C TYR A 420 5.33 12.92 -16.05
N SER A 421 5.59 13.55 -14.91
CA SER A 421 6.44 14.73 -14.85
C SER A 421 7.86 14.33 -15.24
N ILE A 422 8.30 14.74 -16.42
CA ILE A 422 9.65 14.41 -16.85
C ILE A 422 10.67 14.85 -15.79
N SER A 423 11.54 13.93 -15.39
CA SER A 423 12.45 14.20 -14.28
C SER A 423 13.88 14.41 -14.76
N SER A 424 14.02 14.86 -16.00
CA SER A 424 15.29 15.24 -16.57
C SER A 424 15.15 16.56 -17.31
N SER A 425 16.29 17.16 -17.62
CA SER A 425 16.36 18.37 -18.42
C SER A 425 17.03 18.00 -19.74
N PRO A 426 16.55 18.57 -20.85
CA PRO A 426 17.12 18.42 -22.20
C PRO A 426 18.60 18.78 -22.26
N LYS A 427 19.04 19.68 -21.39
CA LYS A 427 20.43 20.15 -21.43
C LYS A 427 21.40 19.13 -20.88
N ILE A 428 20.87 18.15 -20.16
CA ILE A 428 21.68 17.08 -19.60
C ILE A 428 21.32 15.78 -20.34
N ALA A 429 20.05 15.38 -20.29
CA ALA A 429 19.61 14.18 -20.97
C ALA A 429 19.01 14.53 -22.32
N GLU A 430 19.88 14.76 -23.30
CA GLU A 430 19.49 15.19 -24.63
C GLU A 430 18.69 14.13 -25.38
N THR A 431 19.03 12.87 -25.15
CA THR A 431 18.53 11.78 -26.00
C THR A 431 17.70 10.76 -25.22
N ARG A 432 17.38 11.11 -23.97
CA ARG A 432 16.59 10.23 -23.11
C ARG A 432 15.55 11.03 -22.35
N ILE A 433 14.38 10.44 -22.12
CA ILE A 433 13.38 11.07 -21.27
C ILE A 433 13.30 10.29 -19.96
N HIS A 434 13.57 10.96 -18.84
CA HIS A 434 13.62 10.28 -17.56
C HIS A 434 12.28 10.35 -16.87
N VAL A 435 11.90 9.26 -16.20
CA VAL A 435 10.64 9.15 -15.50
C VAL A 435 10.80 8.61 -14.07
N THR A 436 10.04 9.17 -13.14
CA THR A 436 10.07 8.72 -11.75
C THR A 436 8.68 8.25 -11.36
N CYS A 437 8.51 6.94 -11.27
CA CYS A 437 7.17 6.39 -11.20
C CYS A 437 6.93 5.52 -9.98
N ALA A 438 5.97 5.93 -9.14
CA ALA A 438 5.63 5.18 -7.94
C ALA A 438 4.75 4.01 -8.32
N LEU A 439 5.07 2.83 -7.79
CA LEU A 439 4.27 1.65 -8.08
C LEU A 439 2.91 1.75 -7.41
N VAL A 440 1.85 1.61 -8.21
CA VAL A 440 0.50 1.59 -7.65
C VAL A 440 0.10 0.16 -7.29
N TYR A 441 -0.03 -0.10 -6.00
CA TYR A 441 -0.42 -1.41 -5.50
C TYR A 441 -1.20 -1.21 -4.22
N GLU A 442 -2.51 -1.42 -4.28
CA GLU A 442 -3.35 -1.15 -3.13
C GLU A 442 -4.49 -2.13 -3.00
N LYS A 443 -4.90 -2.38 -1.76
CA LYS A 443 -6.06 -3.19 -1.46
C LYS A 443 -7.26 -2.25 -1.43
N MET A 444 -8.22 -2.48 -2.30
CA MET A 444 -9.43 -1.65 -2.36
C MET A 444 -10.34 -2.05 -1.20
N PRO A 445 -11.30 -1.18 -0.84
CA PRO A 445 -12.25 -1.48 0.24
C PRO A 445 -12.95 -2.84 0.10
N THR A 446 -13.16 -3.31 -1.12
CA THR A 446 -13.81 -4.59 -1.34
C THR A 446 -12.88 -5.78 -1.10
N GLY A 447 -11.59 -5.50 -0.95
CA GLY A 447 -10.60 -6.58 -0.86
C GLY A 447 -9.91 -6.82 -2.20
N ARG A 448 -10.43 -6.20 -3.25
CA ARG A 448 -9.83 -6.27 -4.57
C ARG A 448 -8.40 -5.76 -4.55
N ILE A 449 -7.51 -6.49 -5.21
CA ILE A 449 -6.12 -6.08 -5.31
C ILE A 449 -5.90 -5.28 -6.59
N HIS A 450 -5.67 -3.98 -6.45
CA HIS A 450 -5.46 -3.15 -7.63
C HIS A 450 -3.98 -2.98 -7.95
N LYS A 451 -3.60 -3.41 -9.15
CA LYS A 451 -2.28 -3.10 -9.69
C LYS A 451 -2.45 -2.00 -10.73
N GLY A 452 -1.73 -0.88 -10.56
CA GLY A 452 -1.82 0.22 -11.50
C GLY A 452 -1.44 -0.25 -12.89
N VAL A 453 -2.22 0.09 -13.91
CA VAL A 453 -1.94 -0.51 -15.22
C VAL A 453 -0.61 -0.07 -15.82
N CYS A 454 -0.29 1.22 -15.73
CA CYS A 454 0.95 1.72 -16.30
C CYS A 454 2.17 1.49 -15.42
N SER A 455 2.06 1.79 -14.12
CA SER A 455 3.18 1.63 -13.19
C SER A 455 3.63 0.17 -13.08
N THR A 456 2.68 -0.76 -13.11
CA THR A 456 3.04 -2.18 -13.17
C THR A 456 3.78 -2.50 -14.46
N TRP A 457 3.41 -1.85 -15.56
CA TRP A 457 4.17 -2.07 -16.78
C TRP A 457 5.62 -1.59 -16.62
N MET A 458 5.80 -0.43 -16.02
CA MET A 458 7.15 0.12 -15.87
C MET A 458 7.99 -0.70 -14.90
N LYS A 459 7.38 -1.16 -13.81
CA LYS A 459 8.02 -2.08 -12.89
C LYS A 459 8.63 -3.28 -13.62
N ASN A 460 7.88 -3.85 -14.56
CA ASN A 460 8.34 -5.06 -15.26
C ASN A 460 9.12 -4.79 -16.55
N ALA A 461 9.25 -3.53 -16.96
CA ALA A 461 9.89 -3.24 -18.23
C ALA A 461 11.36 -3.65 -18.24
N VAL A 462 11.80 -4.23 -19.35
CA VAL A 462 13.19 -4.66 -19.52
C VAL A 462 14.06 -3.59 -20.19
N PRO A 463 15.16 -3.19 -19.54
CA PRO A 463 16.09 -2.16 -20.03
C PRO A 463 17.25 -2.75 -20.87
N TYR A 464 18.10 -1.91 -21.47
CA TYR A 464 19.23 -2.38 -22.31
C TYR A 464 20.22 -3.26 -21.59
N GLU A 465 20.47 -2.98 -20.31
CA GLU A 465 21.51 -3.66 -19.54
C GLU A 465 21.29 -5.18 -19.52
N LYS A 466 20.10 -5.59 -19.11
CA LYS A 466 19.75 -7.00 -19.06
C LYS A 466 19.44 -7.53 -20.46
N SER A 467 19.47 -6.64 -21.44
CA SER A 467 18.75 -6.90 -22.68
C SER A 467 19.42 -7.82 -23.68
N GLU A 468 18.62 -8.75 -24.16
CA GLU A 468 18.78 -9.29 -25.49
C GLU A 468 17.66 -8.57 -26.24
N ASN A 469 16.52 -8.43 -25.56
CA ASN A 469 15.37 -7.71 -26.10
CA ASN A 469 15.38 -7.69 -26.10
C ASN A 469 14.70 -6.81 -25.06
N CYS A 470 14.88 -5.51 -25.19
CA CYS A 470 14.31 -4.54 -24.27
C CYS A 470 12.82 -4.33 -24.51
N SER A 471 12.14 -3.75 -23.53
CA SER A 471 10.77 -3.32 -23.72
C SER A 471 10.75 -1.98 -24.45
N SER A 472 9.58 -1.64 -24.98
CA SER A 472 9.37 -0.35 -25.61
C SER A 472 7.92 0.03 -25.38
N ALA A 473 7.61 1.31 -25.56
CA ALA A 473 6.28 1.82 -25.30
C ALA A 473 6.02 3.04 -26.18
N PRO A 474 4.75 3.24 -26.57
CA PRO A 474 4.37 4.42 -27.35
C PRO A 474 4.29 5.66 -26.45
N ILE A 475 5.06 6.70 -26.76
CA ILE A 475 5.06 7.91 -25.94
C ILE A 475 4.89 9.17 -26.76
N PHE A 476 4.56 10.25 -26.06
CA PHE A 476 4.50 11.59 -26.63
C PHE A 476 4.74 12.61 -25.51
N VAL A 477 5.08 13.83 -25.89
CA VAL A 477 5.34 14.90 -24.93
C VAL A 477 4.21 15.92 -24.93
N ARG A 478 3.78 16.33 -23.74
CA ARG A 478 2.78 17.37 -23.62
C ARG A 478 3.40 18.56 -22.89
N GLN A 479 3.35 19.73 -23.50
CA GLN A 479 3.89 20.94 -22.88
C GLN A 479 3.09 21.29 -21.63
N SER A 480 3.76 21.91 -20.66
CA SER A 480 3.08 22.41 -19.47
C SER A 480 3.62 23.79 -19.09
N ASN A 481 3.05 24.35 -18.03
CA ASN A 481 3.44 25.64 -17.49
C ASN A 481 4.35 25.54 -16.27
N PHE A 482 4.68 24.33 -15.86
CA PHE A 482 5.54 24.12 -14.69
C PHE A 482 6.98 24.36 -15.10
N LYS A 483 7.37 25.63 -15.17
CA LYS A 483 8.63 26.07 -15.76
C LYS A 483 9.47 26.93 -14.83
N LEU A 484 10.79 26.86 -14.97
CA LEU A 484 11.69 27.73 -14.22
C LEU A 484 11.54 29.17 -14.72
N PRO A 485 11.82 30.16 -13.85
CA PRO A 485 11.79 31.52 -14.35
C PRO A 485 12.86 31.72 -15.45
N SER A 486 12.52 32.49 -16.49
CA SER A 486 13.47 32.84 -17.54
C SER A 486 14.75 33.44 -16.95
N ASP A 487 14.59 34.21 -15.89
CA ASP A 487 15.72 34.79 -15.16
C ASP A 487 16.19 33.87 -14.03
N SER A 488 17.35 33.25 -14.22
CA SER A 488 17.88 32.29 -13.25
C SER A 488 18.29 32.89 -11.91
N LYS A 489 18.23 34.21 -11.79
CA LYS A 489 18.55 34.87 -10.52
C LYS A 489 17.33 34.98 -9.60
N VAL A 490 16.14 34.83 -10.18
CA VAL A 490 14.93 34.79 -9.38
C VAL A 490 14.94 33.57 -8.48
N PRO A 491 14.70 33.77 -7.17
CA PRO A 491 14.61 32.74 -6.13
C PRO A 491 13.58 31.67 -6.45
N ILE A 492 13.89 30.43 -6.14
CA ILE A 492 12.93 29.35 -6.37
C ILE A 492 12.69 28.52 -5.11
N ILE A 493 11.41 28.31 -4.81
CA ILE A 493 11.02 27.52 -3.68
C ILE A 493 10.32 26.27 -4.21
N MET A 494 10.93 25.11 -3.93
CA MET A 494 10.43 23.84 -4.46
C MET A 494 9.96 22.95 -3.34
N ILE A 495 8.71 22.51 -3.42
CA ILE A 495 8.17 21.62 -2.41
C ILE A 495 7.66 20.36 -3.09
N GLY A 496 8.37 19.27 -2.90
CA GLY A 496 7.99 18.00 -3.51
C GLY A 496 8.40 16.75 -2.76
N PRO A 497 7.57 16.32 -1.79
CA PRO A 497 7.87 15.09 -1.09
C PRO A 497 7.49 13.87 -1.94
N GLY A 498 8.19 12.76 -1.72
CA GLY A 498 7.90 11.52 -2.42
C GLY A 498 8.17 11.62 -3.90
N THR A 499 7.22 11.13 -4.69
CA THR A 499 7.33 11.17 -6.15
C THR A 499 7.25 12.60 -6.64
N GLY A 500 6.77 13.50 -5.78
CA GLY A 500 6.69 14.91 -6.08
C GLY A 500 8.03 15.52 -6.43
N LEU A 501 9.10 14.82 -6.09
CA LEU A 501 10.45 15.21 -6.46
C LEU A 501 10.71 15.25 -7.96
N ALA A 502 10.03 14.40 -8.72
CA ALA A 502 10.31 14.18 -10.14
C ALA A 502 10.70 15.43 -10.97
N PRO A 503 9.78 16.38 -11.15
CA PRO A 503 10.15 17.48 -12.06
C PRO A 503 11.24 18.39 -11.47
N PHE A 504 11.44 18.33 -10.16
CA PHE A 504 12.46 19.16 -9.53
C PHE A 504 13.84 18.61 -9.83
N ARG A 505 13.93 17.32 -10.07
CA ARG A 505 15.18 16.74 -10.53
C ARG A 505 15.51 17.30 -11.90
N GLY A 506 14.48 17.63 -12.66
CA GLY A 506 14.67 18.24 -13.97
C GLY A 506 15.05 19.70 -13.81
N PHE A 507 14.43 20.36 -12.85
CA PHE A 507 14.76 21.76 -12.52
C PHE A 507 16.22 21.90 -12.14
N LEU A 508 16.74 20.92 -11.41
CA LEU A 508 18.10 20.97 -10.91
C LEU A 508 19.13 20.58 -11.99
N GLN A 509 18.80 19.62 -12.86
CA GLN A 509 19.66 19.33 -14.02
C GLN A 509 19.80 20.55 -14.92
N GLU A 510 18.70 21.27 -15.13
CA GLU A 510 18.71 22.45 -15.99
C GLU A 510 19.56 23.56 -15.35
N ARG A 511 19.33 23.83 -14.06
CA ARG A 511 20.14 24.80 -13.33
C ARG A 511 21.61 24.41 -13.30
N LEU A 512 21.86 23.10 -13.23
CA LEU A 512 23.23 22.61 -13.18
C LEU A 512 23.95 22.89 -14.50
N ALA A 513 23.30 22.63 -15.63
CA ALA A 513 23.89 22.91 -16.93
C ALA A 513 24.06 24.40 -17.15
N LEU A 514 23.17 25.19 -16.57
CA LEU A 514 23.27 26.65 -16.63
C LEU A 514 24.53 27.13 -15.90
N VAL A 515 24.71 26.68 -14.66
CA VAL A 515 25.81 27.16 -13.82
C VAL A 515 27.17 26.64 -14.29
N GLU A 516 27.18 25.51 -14.99
CA GLU A 516 28.41 25.00 -15.58
C GLU A 516 28.80 25.84 -16.79
N SER A 517 27.86 26.65 -17.28
CA SER A 517 28.09 27.45 -18.48
C SER A 517 28.26 28.95 -18.18
N GLY A 518 28.34 29.30 -16.90
CA GLY A 518 28.62 30.67 -16.51
C GLY A 518 27.44 31.51 -16.04
N VAL A 519 26.22 31.03 -16.27
CA VAL A 519 25.04 31.77 -15.83
C VAL A 519 24.93 31.76 -14.31
N GLU A 520 24.65 32.92 -13.71
CA GLU A 520 24.52 33.03 -12.26
C GLU A 520 23.16 32.54 -11.78
N LEU A 521 23.18 31.74 -10.71
CA LEU A 521 21.95 31.28 -10.09
C LEU A 521 21.58 32.13 -8.89
N GLY A 522 20.29 32.40 -8.72
CA GLY A 522 19.78 33.03 -7.52
C GLY A 522 19.46 31.98 -6.46
N PRO A 523 18.90 32.42 -5.32
CA PRO A 523 18.59 31.54 -4.18
C PRO A 523 17.65 30.37 -4.52
N SER A 524 17.72 29.30 -3.72
CA SER A 524 17.10 28.04 -4.08
C SER A 524 16.83 27.26 -2.82
N VAL A 525 15.64 26.66 -2.72
CA VAL A 525 15.35 25.77 -1.59
C VAL A 525 14.39 24.65 -1.97
N LEU A 526 14.72 23.44 -1.54
CA LEU A 526 13.90 22.28 -1.84
C LEU A 526 13.43 21.60 -0.57
N PHE A 527 12.12 21.57 -0.38
CA PHE A 527 11.53 20.83 0.71
C PHE A 527 11.14 19.44 0.23
N PHE A 528 11.89 18.45 0.67
CA PHE A 528 11.67 17.06 0.28
C PHE A 528 11.15 16.28 1.49
N GLY A 529 10.48 15.16 1.22
CA GLY A 529 9.92 14.36 2.28
C GLY A 529 9.77 12.89 1.90
N CYS A 530 10.07 12.01 2.85
CA CYS A 530 9.86 10.57 2.71
C CYS A 530 9.67 9.88 4.06
N ARG A 531 9.49 8.56 4.02
CA ARG A 531 9.30 7.77 5.24
C ARG A 531 10.58 7.60 6.05
N ASN A 532 11.66 7.20 5.38
CA ASN A 532 12.82 6.68 6.09
C ASN A 532 14.09 6.74 5.24
N ARG A 533 15.19 7.19 5.84
CA ARG A 533 16.52 7.17 5.23
C ARG A 533 16.88 5.81 4.64
N ARG A 534 16.47 4.75 5.31
CA ARG A 534 16.90 3.41 4.95
C ARG A 534 15.92 2.70 4.04
N MET A 535 14.99 3.44 3.46
CA MET A 535 13.99 2.84 2.57
C MET A 535 13.69 3.72 1.36
N ASP A 536 13.56 5.02 1.61
CA ASP A 536 12.67 5.88 0.84
C ASP A 536 13.28 7.16 0.28
N PHE A 537 14.55 7.40 0.58
CA PHE A 537 15.19 8.65 0.21
C PHE A 537 15.68 8.56 -1.25
N ILE A 538 14.75 8.71 -2.19
CA ILE A 538 15.08 8.59 -3.60
C ILE A 538 16.02 9.72 -4.07
N TYR A 539 16.93 9.36 -4.98
CA TYR A 539 17.90 10.31 -5.56
C TYR A 539 18.77 11.02 -4.54
N GLU A 540 19.02 10.35 -3.41
CA GLU A 540 19.70 10.98 -2.29
C GLU A 540 21.09 11.52 -2.64
N GLU A 541 21.86 10.71 -3.36
CA GLU A 541 23.20 11.08 -3.75
C GLU A 541 23.19 12.16 -4.83
N GLU A 542 22.21 12.13 -5.72
CA GLU A 542 22.12 13.16 -6.75
C GLU A 542 21.80 14.51 -6.11
N LEU A 543 20.97 14.49 -5.06
CA LEU A 543 20.63 15.70 -4.33
C LEU A 543 21.86 16.31 -3.64
N GLN A 544 22.67 15.46 -3.03
CA GLN A 544 23.97 15.89 -2.47
C GLN A 544 24.83 16.57 -3.53
N ARG A 545 24.93 15.96 -4.70
CA ARG A 545 25.70 16.53 -5.79
C ARG A 545 25.13 17.87 -6.28
N PHE A 546 23.81 18.03 -6.25
CA PHE A 546 23.20 19.30 -6.66
C PHE A 546 23.51 20.44 -5.69
N VAL A 547 23.52 20.13 -4.40
CA VAL A 547 23.95 21.09 -3.41
C VAL A 547 25.41 21.42 -3.67
N GLU A 548 26.18 20.37 -3.95
CA GLU A 548 27.62 20.45 -4.13
C GLU A 548 28.04 21.34 -5.29
N SER A 549 27.18 21.46 -6.29
CA SER A 549 27.54 22.22 -7.48
C SER A 549 26.96 23.63 -7.48
N GLY A 550 26.05 23.89 -6.54
CA GLY A 550 25.40 25.18 -6.48
C GLY A 550 24.17 25.29 -7.35
N ALA A 551 23.70 24.16 -7.90
CA ALA A 551 22.42 24.12 -8.60
C ALA A 551 21.29 24.37 -7.60
N LEU A 552 21.51 23.93 -6.36
CA LEU A 552 20.53 24.06 -5.30
C LEU A 552 21.20 24.57 -4.03
N ALA A 553 20.66 25.61 -3.42
CA ALA A 553 21.29 26.19 -2.23
C ALA A 553 21.12 25.27 -1.04
N GLU A 554 19.89 25.14 -0.55
CA GLU A 554 19.66 24.23 0.56
C GLU A 554 18.61 23.15 0.34
N LEU A 555 18.86 21.99 0.93
CA LEU A 555 17.95 20.86 0.92
C LEU A 555 17.41 20.63 2.34
N SER A 556 16.09 20.66 2.48
CA SER A 556 15.43 20.32 3.72
C SER A 556 14.68 19.00 3.56
N VAL A 557 14.91 18.04 4.43
CA VAL A 557 14.27 16.72 4.32
C VAL A 557 13.44 16.38 5.54
N ALA A 558 12.21 15.91 5.30
CA ALA A 558 11.32 15.53 6.39
C ALA A 558 11.08 14.02 6.41
N PHE A 559 11.28 13.41 7.58
CA PHE A 559 11.11 11.96 7.72
C PHE A 559 9.88 11.59 8.54
N SER A 560 8.97 10.82 7.93
CA SER A 560 7.70 10.53 8.56
C SER A 560 7.64 9.21 9.36
N ARG A 561 8.63 8.34 9.20
CA ARG A 561 8.59 7.05 9.88
C ARG A 561 9.94 6.48 10.28
N GLU A 562 10.79 7.29 10.91
CA GLU A 562 12.09 6.78 11.32
C GLU A 562 12.09 6.35 12.78
N GLY A 563 10.93 6.48 13.41
CA GLY A 563 10.77 6.09 14.79
C GLY A 563 9.55 6.78 15.34
N PRO A 564 9.52 6.98 16.66
CA PRO A 564 8.43 7.59 17.41
C PRO A 564 7.90 8.86 16.79
N THR A 565 8.78 9.75 16.35
CA THR A 565 8.35 11.07 15.89
C THR A 565 8.07 11.13 14.37
N LYS A 566 7.24 12.09 13.98
CA LYS A 566 6.79 12.18 12.60
C LYS A 566 6.85 13.61 12.11
N GLU A 567 7.68 13.87 11.10
CA GLU A 567 7.74 15.20 10.51
C GLU A 567 7.37 15.20 9.04
N TYR A 568 6.77 16.31 8.60
CA TYR A 568 6.39 16.49 7.21
C TYR A 568 6.88 17.83 6.68
N VAL A 569 6.74 18.03 5.37
CA VAL A 569 7.19 19.27 4.75
C VAL A 569 6.48 20.52 5.28
N GLN A 570 5.23 20.38 5.75
CA GLN A 570 4.53 21.49 6.41
C GLN A 570 5.33 22.02 7.59
N HIS A 571 5.92 21.11 8.35
CA HIS A 571 6.61 21.49 9.58
C HIS A 571 7.95 22.13 9.30
N LYS A 572 8.62 21.67 8.25
CA LYS A 572 9.88 22.25 7.82
C LYS A 572 9.69 23.65 7.26
N MET A 573 8.60 23.84 6.51
CA MET A 573 8.24 25.15 5.97
C MET A 573 7.97 26.15 7.08
N MET A 574 7.28 25.69 8.11
CA MET A 574 6.96 26.53 9.26
C MET A 574 8.22 26.98 10.01
N ASP A 575 9.19 26.07 10.15
CA ASP A 575 10.47 26.39 10.76
C ASP A 575 11.23 27.45 9.96
N LYS A 576 11.06 27.43 8.65
CA LYS A 576 11.72 28.40 7.77
C LYS A 576 10.74 29.43 7.24
N ALA A 577 9.69 29.69 8.01
CA ALA A 577 8.64 30.64 7.62
C ALA A 577 9.19 32.03 7.27
N SER A 578 10.13 32.51 8.06
CA SER A 578 10.71 33.83 7.81
C SER A 578 11.49 33.86 6.49
N ASP A 579 12.36 32.87 6.28
CA ASP A 579 13.12 32.73 5.03
C ASP A 579 12.20 32.62 3.82
N ILE A 580 11.10 31.89 3.97
CA ILE A 580 10.18 31.69 2.87
C ILE A 580 9.51 33.01 2.51
N TRP A 581 9.02 33.71 3.52
CA TRP A 581 8.36 35.00 3.30
C TRP A 581 9.32 36.02 2.65
N ASN A 582 10.56 36.07 3.12
CA ASN A 582 11.54 36.99 2.55
C ASN A 582 11.78 36.69 1.08
N MET A 583 11.82 35.41 0.73
CA MET A 583 11.98 35.02 -0.68
C MET A 583 10.79 35.45 -1.53
N ILE A 584 9.57 35.27 -1.01
CA ILE A 584 8.37 35.75 -1.71
C ILE A 584 8.45 37.25 -1.96
N SER A 585 8.87 38.00 -0.95
CA SER A 585 9.05 39.45 -1.04
C SER A 585 10.02 39.83 -2.14
N GLN A 586 11.06 39.02 -2.31
CA GLN A 586 12.04 39.26 -3.37
C GLN A 586 11.66 38.61 -4.69
N GLY A 587 10.37 38.31 -4.85
CA GLY A 587 9.83 37.81 -6.11
C GLY A 587 9.99 36.33 -6.43
N ALA A 588 10.12 35.51 -5.39
CA ALA A 588 10.33 34.06 -5.60
C ALA A 588 9.17 33.38 -6.31
N TYR A 589 9.50 32.33 -7.07
CA TYR A 589 8.48 31.43 -7.60
C TYR A 589 8.32 30.25 -6.66
N LEU A 590 7.07 29.85 -6.43
CA LEU A 590 6.74 28.74 -5.55
C LEU A 590 6.28 27.57 -6.40
N TYR A 591 6.76 26.36 -6.11
CA TYR A 591 6.31 25.18 -6.84
C TYR A 591 5.94 24.07 -5.89
N VAL A 592 4.79 23.46 -6.12
CA VAL A 592 4.37 22.32 -5.32
C VAL A 592 4.09 21.15 -6.25
N CYS A 593 4.63 19.99 -5.93
CA CYS A 593 4.43 18.80 -6.73
C CYS A 593 4.27 17.54 -5.87
N GLY A 594 3.31 16.71 -6.24
CA GLY A 594 3.11 15.43 -5.57
C GLY A 594 1.65 15.14 -5.27
N ASP A 595 1.42 14.49 -4.14
CA ASP A 595 0.09 14.14 -3.67
C ASP A 595 -0.84 15.35 -3.58
N ALA A 596 -1.94 15.31 -4.32
CA ALA A 596 -2.90 16.41 -4.34
C ALA A 596 -3.80 16.46 -3.10
N LYS A 597 -4.38 15.31 -2.75
CA LYS A 597 -5.38 15.21 -1.70
C LYS A 597 -4.88 15.57 -0.30
N GLY A 598 -3.67 15.11 0.04
CA GLY A 598 -3.15 15.33 1.38
C GLY A 598 -2.14 16.45 1.49
N MET A 599 -0.92 16.17 1.04
CA MET A 599 0.20 17.11 1.10
C MET A 599 -0.13 18.50 0.56
N ALA A 600 -0.61 18.57 -0.67
CA ALA A 600 -0.87 19.85 -1.34
C ALA A 600 -1.80 20.77 -0.55
N ARG A 601 -2.81 20.19 0.08
CA ARG A 601 -3.73 20.99 0.92
C ARG A 601 -3.03 21.54 2.16
N ASP A 602 -2.26 20.70 2.84
CA ASP A 602 -1.53 21.10 4.03
C ASP A 602 -0.46 22.15 3.73
N VAL A 603 0.20 21.99 2.59
CA VAL A 603 1.19 22.96 2.14
C VAL A 603 0.52 24.30 1.82
N HIS A 604 -0.65 24.21 1.20
CA HIS A 604 -1.47 25.39 0.90
C HIS A 604 -1.85 26.17 2.18
N ARG A 605 -2.28 25.45 3.22
CA ARG A 605 -2.67 26.08 4.48
C ARG A 605 -1.49 26.80 5.12
N SER A 606 -0.32 26.18 5.00
CA SER A 606 0.88 26.73 5.61
C SER A 606 1.28 28.06 4.99
N LEU A 607 1.09 28.18 3.68
CA LEU A 607 1.40 29.43 2.97
C LEU A 607 0.51 30.55 3.50
N HIS A 608 -0.77 30.25 3.67
CA HIS A 608 -1.69 31.20 4.26
C HIS A 608 -1.25 31.57 5.67
N THR A 609 -0.91 30.55 6.46
CA THR A 609 -0.42 30.78 7.81
C THR A 609 0.87 31.60 7.84
N ILE A 610 1.75 31.37 6.88
CA ILE A 610 3.02 32.10 6.81
C ILE A 610 2.73 33.55 6.41
N ALA A 611 1.81 33.72 5.46
CA ALA A 611 1.46 35.06 4.99
C ALA A 611 0.86 35.92 6.10
N GLN A 612 0.00 35.32 6.93
CA GLN A 612 -0.63 36.04 8.04
C GLN A 612 0.39 36.51 9.07
N GLU A 613 1.25 35.60 9.50
CA GLU A 613 2.13 35.86 10.62
C GLU A 613 3.42 36.61 10.24
N GLN A 614 3.99 36.28 9.09
CA GLN A 614 5.19 36.96 8.64
C GLN A 614 4.85 38.25 7.92
N GLY A 615 3.66 38.28 7.30
CA GLY A 615 3.24 39.46 6.56
C GLY A 615 2.43 40.46 7.37
N SER A 616 1.99 40.03 8.56
CA SER A 616 1.13 40.86 9.42
C SER A 616 -0.16 41.29 8.71
N MET A 617 -0.93 40.31 8.27
CA MET A 617 -2.23 40.55 7.67
C MET A 617 -3.20 39.51 8.21
N ASP A 618 -4.48 39.84 8.24
CA ASP A 618 -5.47 38.90 8.75
C ASP A 618 -5.70 37.78 7.75
N SER A 619 -6.60 36.86 8.09
CA SER A 619 -6.83 35.67 7.27
C SER A 619 -7.37 35.99 5.87
N THR A 620 -8.32 36.91 5.78
CA THR A 620 -8.94 37.25 4.51
C THR A 620 -7.95 37.87 3.52
N LYS A 621 -7.10 38.76 4.03
CA LYS A 621 -6.09 39.39 3.19
C LYS A 621 -5.08 38.37 2.65
N ALA A 622 -4.63 37.46 3.52
CA ALA A 622 -3.63 36.45 3.16
C ALA A 622 -4.13 35.50 2.07
N GLU A 623 -5.41 35.15 2.13
CA GLU A 623 -6.01 34.34 1.08
C GLU A 623 -6.02 35.15 -0.21
N GLY A 624 -6.23 36.45 -0.08
CA GLY A 624 -6.16 37.34 -1.21
C GLY A 624 -4.74 37.31 -1.74
N PHE A 625 -3.79 37.33 -0.82
CA PHE A 625 -2.36 37.35 -1.16
C PHE A 625 -1.93 36.08 -1.90
N VAL A 626 -2.32 34.93 -1.35
CA VAL A 626 -1.96 33.65 -1.94
C VAL A 626 -2.62 33.48 -3.30
N LYS A 627 -3.91 33.82 -3.39
CA LYS A 627 -4.63 33.77 -4.66
C LYS A 627 -3.95 34.66 -5.71
N ASN A 628 -3.43 35.79 -5.26
CA ASN A 628 -2.69 36.70 -6.14
C ASN A 628 -1.44 36.06 -6.72
N LEU A 629 -0.72 35.31 -5.90
CA LEU A 629 0.46 34.58 -6.34
C LEU A 629 0.10 33.58 -7.44
N GLN A 630 -1.05 32.93 -7.29
CA GLN A 630 -1.52 31.96 -8.27
C GLN A 630 -1.85 32.58 -9.63
N THR A 631 -2.72 33.58 -9.62
CA THR A 631 -3.11 34.23 -10.87
C THR A 631 -1.93 34.96 -11.54
N SER A 632 -0.96 35.39 -10.72
CA SER A 632 0.26 36.03 -11.24
C SER A 632 1.17 35.04 -11.94
N GLY A 633 1.16 33.80 -11.47
CA GLY A 633 1.99 32.76 -12.06
C GLY A 633 3.24 32.49 -11.25
N ARG A 634 3.22 32.82 -9.96
CA ARG A 634 4.38 32.62 -9.11
C ARG A 634 4.20 31.51 -8.09
N TYR A 635 3.03 30.88 -8.13
CA TYR A 635 2.70 29.73 -7.29
C TYR A 635 2.14 28.65 -8.20
N LEU A 636 2.99 27.67 -8.54
CA LEU A 636 2.64 26.64 -9.52
C LEU A 636 2.48 25.26 -8.86
N ARG A 637 1.43 24.55 -9.24
CA ARG A 637 1.15 23.23 -8.70
CA ARG A 637 1.15 23.22 -8.71
C ARG A 637 1.14 22.17 -9.81
N ASP A 638 1.88 21.08 -9.59
CA ASP A 638 1.81 19.91 -10.45
C ASP A 638 1.45 18.76 -9.52
N VAL A 639 0.16 18.62 -9.22
CA VAL A 639 -0.27 17.62 -8.25
C VAL A 639 -1.27 16.69 -8.88
N TRP A 640 -1.41 15.51 -8.30
CA TRP A 640 -2.30 14.49 -8.82
C TRP A 640 -2.72 13.54 -7.72
N TYR B 233 31.31 -2.64 19.98
CA TYR B 233 31.00 -4.04 19.70
C TYR B 233 30.53 -4.78 20.94
N THR B 234 29.32 -5.34 20.87
CA THR B 234 28.77 -6.11 21.99
C THR B 234 28.23 -7.43 21.47
N VAL B 235 28.38 -8.48 22.26
CA VAL B 235 27.68 -9.72 21.98
C VAL B 235 26.34 -9.69 22.69
N PHE B 236 25.26 -9.87 21.93
CA PHE B 236 23.93 -9.92 22.52
C PHE B 236 23.50 -11.37 22.70
N ASP B 237 23.06 -11.72 23.90
CA ASP B 237 22.57 -13.05 24.21
C ASP B 237 21.54 -12.93 25.32
N ALA B 238 21.09 -14.05 25.87
CA ALA B 238 20.02 -14.03 26.88
C ALA B 238 20.38 -13.26 28.15
N GLN B 239 21.65 -13.30 28.52
CA GLN B 239 22.11 -12.55 29.69
C GLN B 239 22.44 -11.10 29.34
N HIS B 240 22.66 -10.83 28.06
CA HIS B 240 22.93 -9.45 27.61
C HIS B 240 22.16 -9.15 26.33
N PRO B 241 20.87 -8.86 26.48
CA PRO B 241 19.96 -8.69 25.34
C PRO B 241 19.98 -7.26 24.84
N TYR B 242 19.65 -7.07 23.58
CA TYR B 242 19.51 -5.73 23.05
C TYR B 242 18.08 -5.24 23.21
N LYS B 243 17.93 -4.01 23.70
CA LYS B 243 16.62 -3.38 23.88
C LYS B 243 16.12 -2.84 22.54
N ALA B 244 15.19 -3.54 21.91
CA ALA B 244 14.78 -3.18 20.55
C ALA B 244 13.37 -2.60 20.50
N ASN B 245 13.23 -1.45 19.83
CA ASN B 245 11.92 -0.87 19.59
C ASN B 245 11.05 -1.73 18.69
N VAL B 246 9.75 -1.71 18.95
CA VAL B 246 8.76 -2.29 18.06
C VAL B 246 8.41 -1.24 16.99
N ALA B 247 8.85 -1.48 15.76
CA ALA B 247 8.61 -0.57 14.65
C ALA B 247 7.24 -0.82 13.99
N VAL B 248 6.88 -2.08 13.86
CA VAL B 248 5.66 -2.48 13.19
C VAL B 248 4.93 -3.56 14.00
N LYS B 249 3.62 -3.39 14.17
CA LYS B 249 2.78 -4.44 14.74
C LYS B 249 1.43 -4.42 14.03
N ARG B 250 1.14 -5.50 13.33
CA ARG B 250 -0.09 -5.60 12.56
C ARG B 250 -0.66 -7.00 12.59
N GLU B 251 -1.99 -7.07 12.60
CA GLU B 251 -2.74 -8.32 12.58
C GLU B 251 -2.69 -8.98 11.19
N LEU B 252 -2.35 -10.27 11.14
CA LEU B 252 -2.27 -10.97 9.86
C LEU B 252 -3.56 -11.68 9.43
N HIS B 253 -4.46 -11.93 10.38
CA HIS B 253 -5.79 -12.49 10.07
C HIS B 253 -6.75 -11.37 9.65
N THR B 254 -7.84 -11.73 8.99
CA THR B 254 -8.86 -10.74 8.65
C THR B 254 -9.68 -10.51 9.91
N PRO B 255 -10.46 -9.41 9.97
CA PRO B 255 -11.24 -9.17 11.19
C PRO B 255 -12.30 -10.25 11.47
N GLU B 256 -12.51 -11.18 10.54
CA GLU B 256 -13.53 -12.20 10.73
C GLU B 256 -13.02 -13.38 11.54
N SER B 257 -11.71 -13.61 11.49
CA SER B 257 -11.08 -14.72 12.19
C SER B 257 -11.36 -14.68 13.69
N ASP B 258 -11.47 -15.84 14.31
CA ASP B 258 -11.66 -15.91 15.75
C ASP B 258 -10.30 -15.87 16.47
N ARG B 259 -9.27 -16.32 15.77
CA ARG B 259 -7.91 -16.32 16.31
C ARG B 259 -7.14 -15.08 15.87
N SER B 260 -5.84 -15.08 16.15
CA SER B 260 -5.02 -13.93 15.82
C SER B 260 -3.56 -14.33 15.61
N CYS B 261 -2.97 -13.79 14.55
CA CYS B 261 -1.56 -13.98 14.29
C CYS B 261 -0.93 -12.63 14.03
N ILE B 262 0.08 -12.30 14.81
CA ILE B 262 0.69 -10.98 14.78
C ILE B 262 1.96 -10.92 13.96
N HIS B 263 2.05 -9.95 13.05
CA HIS B 263 3.29 -9.63 12.36
C HIS B 263 3.95 -8.49 13.11
N LEU B 264 5.17 -8.71 13.57
CA LEU B 264 5.88 -7.70 14.35
C LEU B 264 7.29 -7.50 13.83
N GLU B 265 7.73 -6.26 13.77
CA GLU B 265 9.09 -5.97 13.34
C GLU B 265 9.88 -5.26 14.44
N PHE B 266 10.99 -5.87 14.86
CA PHE B 266 11.91 -5.25 15.80
C PHE B 266 12.93 -4.41 15.02
N ASP B 267 13.19 -3.21 15.52
CA ASP B 267 14.14 -2.33 14.87
C ASP B 267 15.53 -2.58 15.47
N ILE B 268 16.50 -2.92 14.62
CA ILE B 268 17.87 -3.18 15.05
C ILE B 268 18.88 -2.27 14.34
N ALA B 269 18.40 -1.19 13.74
CA ALA B 269 19.28 -0.23 13.08
C ALA B 269 20.29 0.39 14.04
N GLY B 270 21.57 0.28 13.69
CA GLY B 270 22.65 0.87 14.46
C GLY B 270 23.14 -0.01 15.59
N SER B 271 22.42 -1.09 15.87
CA SER B 271 22.65 -1.89 17.07
C SER B 271 23.92 -2.72 17.04
N GLY B 272 24.26 -3.26 15.86
CA GLY B 272 25.34 -4.22 15.76
C GLY B 272 24.81 -5.65 15.76
N LEU B 273 23.53 -5.79 16.10
CA LEU B 273 22.88 -7.09 16.07
C LEU B 273 22.77 -7.58 14.62
N THR B 274 23.18 -8.82 14.36
CA THR B 274 23.06 -9.39 13.02
C THR B 274 22.33 -10.71 13.10
N TYR B 275 21.64 -11.06 12.03
CA TYR B 275 20.98 -12.36 11.96
C TYR B 275 21.09 -12.91 10.56
N GLU B 276 20.79 -14.20 10.41
CA GLU B 276 20.78 -14.83 9.10
C GLU B 276 19.42 -15.48 8.88
N THR B 277 19.03 -15.58 7.62
CA THR B 277 17.84 -16.30 7.21
C THR B 277 17.79 -17.67 7.89
N GLY B 278 16.71 -17.91 8.63
CA GLY B 278 16.53 -19.20 9.28
C GLY B 278 16.85 -19.24 10.77
N ASP B 279 17.38 -18.14 11.29
CA ASP B 279 17.70 -18.03 12.71
C ASP B 279 16.46 -17.76 13.56
N HIS B 280 16.62 -17.86 14.87
CA HIS B 280 15.58 -17.53 15.81
C HIS B 280 15.93 -16.27 16.57
N VAL B 281 14.90 -15.55 17.02
CA VAL B 281 15.10 -14.43 17.91
C VAL B 281 14.47 -14.80 19.24
N GLY B 282 15.21 -14.56 20.32
CA GLY B 282 14.68 -14.74 21.66
C GLY B 282 14.19 -13.42 22.22
N VAL B 283 13.01 -13.45 22.81
CA VAL B 283 12.42 -12.27 23.40
C VAL B 283 12.19 -12.51 24.87
N LEU B 284 12.68 -11.60 25.71
CA LEU B 284 12.45 -11.68 27.14
C LEU B 284 11.11 -11.01 27.44
N CYS B 285 10.25 -11.70 28.18
CA CYS B 285 8.95 -11.15 28.52
C CYS B 285 8.72 -11.11 30.03
N ASP B 286 7.69 -10.39 30.44
CA ASP B 286 7.30 -10.33 31.84
C ASP B 286 6.01 -11.11 32.04
N ASN B 287 5.77 -11.61 33.25
CA ASN B 287 4.45 -12.12 33.59
C ASN B 287 3.42 -10.99 33.53
N LEU B 288 2.17 -11.32 33.23
CA LEU B 288 1.12 -10.33 33.21
C LEU B 288 0.82 -9.91 34.63
N SER B 289 0.36 -8.69 34.82
CA SER B 289 0.15 -8.16 36.15
C SER B 289 -0.84 -8.97 36.98
N GLU B 290 -1.86 -9.51 36.31
CA GLU B 290 -2.86 -10.32 37.03
C GLU B 290 -2.22 -11.56 37.62
N THR B 291 -1.27 -12.14 36.89
CA THR B 291 -0.53 -13.31 37.34
C THR B 291 0.34 -12.98 38.55
N VAL B 292 0.94 -11.78 38.55
CA VAL B 292 1.79 -11.33 39.64
C VAL B 292 0.98 -11.00 40.91
N ASP B 293 -0.13 -10.30 40.73
CA ASP B 293 -1.03 -10.02 41.83
C ASP B 293 -1.46 -11.27 42.62
N GLU B 294 -1.73 -12.36 41.91
CA GLU B 294 -2.13 -13.61 42.56
C GLU B 294 -0.95 -14.28 43.28
N ALA B 295 0.23 -14.25 42.67
CA ALA B 295 1.40 -14.86 43.31
C ALA B 295 1.82 -14.11 44.57
N LEU B 296 1.60 -12.79 44.58
CA LEU B 296 1.86 -11.99 45.77
C LEU B 296 0.88 -12.33 46.89
N ARG B 297 -0.36 -12.59 46.52
CA ARG B 297 -1.37 -12.98 47.48
C ARG B 297 -1.02 -14.31 48.14
N LEU B 298 -0.56 -15.26 47.35
CA LEU B 298 -0.26 -16.59 47.86
C LEU B 298 0.96 -16.60 48.78
N LEU B 299 1.95 -15.77 48.46
CA LEU B 299 3.18 -15.73 49.24
C LEU B 299 2.99 -14.89 50.50
N ASP B 300 1.98 -14.04 50.47
CA ASP B 300 1.52 -13.34 51.67
C ASP B 300 2.54 -12.30 52.19
N MET B 301 3.46 -11.88 51.33
CA MET B 301 4.42 -10.84 51.69
C MET B 301 4.31 -9.60 50.80
N SER B 302 4.83 -8.50 51.30
CA SER B 302 4.83 -7.23 50.61
C SER B 302 5.50 -7.31 49.23
N PRO B 303 4.96 -6.58 48.25
CA PRO B 303 5.58 -6.47 46.91
C PRO B 303 7.02 -5.98 47.02
N ASP B 304 7.30 -5.16 48.03
CA ASP B 304 8.58 -4.51 48.16
C ASP B 304 9.60 -5.30 48.99
N THR B 305 9.28 -6.55 49.31
CA THR B 305 10.20 -7.43 50.03
C THR B 305 11.53 -7.57 49.28
N TYR B 306 12.64 -7.29 49.95
CA TYR B 306 13.95 -7.46 49.36
C TYR B 306 14.54 -8.77 49.85
N PHE B 307 15.25 -9.46 48.97
CA PHE B 307 15.79 -10.77 49.33
C PHE B 307 16.97 -11.15 48.45
N SER B 308 17.81 -12.06 48.94
CA SER B 308 18.98 -12.53 48.20
C SER B 308 19.02 -14.06 48.13
N LEU B 309 19.67 -14.58 47.09
CA LEU B 309 19.77 -16.02 46.87
C LEU B 309 21.22 -16.43 46.62
N HIS B 310 21.50 -17.72 46.84
CA HIS B 310 22.80 -18.29 46.48
C HIS B 310 22.69 -19.80 46.26
N PRO B 325 21.79 -20.58 38.35
CA PRO B 325 22.49 -19.31 38.48
C PRO B 325 21.57 -18.21 39.01
N PRO B 326 21.88 -17.68 40.21
CA PRO B 326 21.00 -16.70 40.88
C PRO B 326 20.86 -15.40 40.10
N PHE B 327 19.64 -14.87 40.03
CA PHE B 327 19.38 -13.61 39.34
C PHE B 327 19.78 -12.43 40.23
N PRO B 328 19.97 -11.23 39.64
CA PRO B 328 20.37 -10.06 40.42
C PRO B 328 19.33 -9.65 41.47
N PRO B 329 19.81 -9.13 42.62
CA PRO B 329 18.99 -8.73 43.77
C PRO B 329 17.89 -7.74 43.40
N CYS B 330 16.66 -8.02 43.82
CA CYS B 330 15.51 -7.18 43.51
C CYS B 330 14.37 -7.48 44.47
N ASN B 331 13.33 -6.65 44.40
CA ASN B 331 12.17 -6.88 45.23
C ASN B 331 11.28 -8.02 44.72
N LEU B 332 10.39 -8.51 45.59
CA LEU B 332 9.58 -9.68 45.29
C LEU B 332 8.71 -9.50 44.05
N ARG B 333 8.06 -8.35 43.92
CA ARG B 333 7.22 -8.09 42.76
C ARG B 333 8.00 -8.17 41.44
N THR B 334 9.17 -7.54 41.40
CA THR B 334 10.07 -7.65 40.27
C THR B 334 10.49 -9.09 39.97
N ALA B 335 10.87 -9.83 41.01
CA ALA B 335 11.25 -11.23 40.86
C ALA B 335 10.13 -12.10 40.29
N LEU B 336 8.91 -11.95 40.80
CA LEU B 336 7.77 -12.69 40.28
C LEU B 336 7.45 -12.31 38.84
N THR B 337 7.66 -11.04 38.51
CA THR B 337 7.39 -10.55 37.17
C THR B 337 8.39 -11.04 36.12
N ARG B 338 9.68 -10.95 36.43
CA ARG B 338 10.72 -11.21 35.44
C ARG B 338 11.30 -12.63 35.47
N TYR B 339 11.32 -13.25 36.66
CA TYR B 339 12.11 -14.47 36.87
C TYR B 339 11.31 -15.74 37.22
N ALA B 340 10.08 -15.59 37.67
CA ALA B 340 9.25 -16.74 38.01
C ALA B 340 8.39 -17.27 36.86
N CYS B 341 8.52 -18.55 36.57
CA CYS B 341 7.53 -19.23 35.74
C CYS B 341 6.41 -19.66 36.67
N LEU B 342 5.26 -18.98 36.59
CA LEU B 342 4.17 -19.18 37.52
C LEU B 342 3.04 -20.05 37.00
N LEU B 343 2.90 -20.11 35.67
CA LEU B 343 1.70 -20.68 35.07
C LEU B 343 1.85 -22.12 34.55
N SER B 344 3.08 -22.61 34.49
CA SER B 344 3.30 -24.00 34.10
C SER B 344 2.91 -24.93 35.24
N SER B 345 2.77 -26.22 34.91
CA SER B 345 2.40 -27.23 35.89
C SER B 345 3.62 -27.63 36.73
N PRO B 346 3.44 -27.71 38.06
CA PRO B 346 4.54 -28.03 38.99
C PRO B 346 5.10 -29.44 38.78
N LYS B 347 6.42 -29.56 38.66
CA LYS B 347 7.07 -30.86 38.68
C LYS B 347 6.94 -31.48 40.06
N LYS B 348 7.11 -32.80 40.13
CA LYS B 348 6.98 -33.54 41.38
C LYS B 348 7.91 -33.05 42.48
N SER B 349 9.11 -32.62 42.08
CA SER B 349 10.09 -32.12 43.05
C SER B 349 9.62 -30.79 43.65
N ALA B 350 8.84 -30.04 42.88
CA ALA B 350 8.32 -28.76 43.35
C ALA B 350 7.25 -29.02 44.39
N LEU B 351 6.50 -30.11 44.20
CA LEU B 351 5.49 -30.50 45.17
C LEU B 351 6.17 -30.96 46.46
N VAL B 352 7.28 -31.68 46.31
CA VAL B 352 8.08 -32.10 47.45
C VAL B 352 8.59 -30.87 48.23
N ALA B 353 9.04 -29.86 47.50
CA ALA B 353 9.54 -28.63 48.10
C ALA B 353 8.44 -27.88 48.84
N LEU B 354 7.24 -27.87 48.28
CA LEU B 354 6.10 -27.23 48.93
C LEU B 354 5.73 -28.01 50.19
N ALA B 355 5.71 -29.34 50.07
CA ALA B 355 5.37 -30.20 51.19
C ALA B 355 6.29 -29.91 52.37
N ALA B 356 7.54 -29.59 52.07
CA ALA B 356 8.55 -29.35 53.11
C ALA B 356 8.22 -28.14 53.96
N HIS B 357 7.33 -27.28 53.48
CA HIS B 357 6.96 -26.08 54.23
C HIS B 357 5.46 -25.94 54.32
N ALA B 358 4.77 -27.06 54.32
CA ALA B 358 3.35 -27.10 54.59
C ALA B 358 3.14 -27.34 56.08
N SER B 359 2.47 -26.41 56.75
CA SER B 359 2.27 -26.51 58.19
C SER B 359 1.11 -27.46 58.54
N ASP B 360 0.17 -27.61 57.61
CA ASP B 360 -0.94 -28.53 57.78
C ASP B 360 -0.53 -29.93 57.34
N PRO B 361 -0.49 -30.88 58.28
CA PRO B 361 0.00 -32.24 58.03
C PRO B 361 -0.78 -32.96 56.94
N THR B 362 -2.08 -32.66 56.84
CA THR B 362 -2.91 -33.26 55.79
C THR B 362 -2.51 -32.73 54.42
N GLU B 363 -2.22 -31.44 54.34
CA GLU B 363 -1.76 -30.86 53.09
C GLU B 363 -0.36 -31.37 52.76
N ALA B 364 0.50 -31.44 53.76
CA ALA B 364 1.85 -31.96 53.56
C ALA B 364 1.86 -33.40 53.09
N GLU B 365 1.00 -34.23 53.67
CA GLU B 365 0.87 -35.63 53.23
C GLU B 365 0.38 -35.71 51.80
N ARG B 366 -0.67 -34.95 51.49
CA ARG B 366 -1.27 -34.95 50.16
C ARG B 366 -0.27 -34.54 49.07
N LEU B 367 0.54 -33.53 49.35
CA LEU B 367 1.56 -33.10 48.39
C LEU B 367 2.64 -34.18 48.20
N LYS B 368 3.09 -34.78 49.29
CA LYS B 368 4.08 -35.86 49.21
C LYS B 368 3.50 -37.00 48.40
N HIS B 369 2.21 -37.27 48.62
CA HIS B 369 1.52 -38.34 47.90
C HIS B 369 1.51 -38.10 46.40
N LEU B 370 1.16 -36.88 45.98
CA LEU B 370 1.16 -36.51 44.57
C LEU B 370 2.53 -36.62 43.91
N ALA B 371 3.58 -36.55 44.70
CA ALA B 371 4.94 -36.65 44.15
C ALA B 371 5.54 -38.04 44.30
N SER B 372 4.77 -38.96 44.88
CA SER B 372 5.25 -40.32 45.16
C SER B 372 4.66 -41.36 44.19
N PRO B 373 5.32 -42.52 44.06
CA PRO B 373 4.88 -43.61 43.18
C PRO B 373 3.41 -43.97 43.31
N ALA B 374 2.89 -43.97 44.54
CA ALA B 374 1.49 -44.35 44.78
C ALA B 374 0.49 -43.39 44.15
N GLY B 375 0.86 -42.11 44.11
CA GLY B 375 -0.04 -41.08 43.58
C GLY B 375 0.24 -40.69 42.15
N LYS B 376 1.00 -41.52 41.44
CA LYS B 376 1.39 -41.24 40.05
C LYS B 376 0.20 -40.98 39.13
N ASP B 377 -0.92 -41.65 39.39
CA ASP B 377 -2.12 -41.50 38.57
C ASP B 377 -2.86 -40.21 38.87
N GLU B 378 -2.94 -39.84 40.14
CA GLU B 378 -3.59 -38.60 40.54
C GLU B 378 -2.81 -37.41 39.96
N TYR B 379 -1.50 -37.49 40.01
CA TYR B 379 -0.63 -36.45 39.46
C TYR B 379 -0.92 -36.20 37.99
N SER B 380 -0.95 -37.28 37.20
CA SER B 380 -1.27 -37.18 35.78
C SER B 380 -2.63 -36.56 35.55
N LYS B 381 -3.60 -36.96 36.36
CA LYS B 381 -4.95 -36.42 36.23
C LYS B 381 -5.02 -35.00 36.78
N TRP B 382 -4.68 -34.85 38.04
CA TRP B 382 -4.94 -33.61 38.74
C TRP B 382 -4.01 -32.45 38.32
N VAL B 383 -2.76 -32.75 38.01
CA VAL B 383 -1.82 -31.70 37.66
C VAL B 383 -1.57 -31.59 36.16
N VAL B 384 -1.08 -32.67 35.55
CA VAL B 384 -0.69 -32.64 34.14
C VAL B 384 -1.85 -32.49 33.16
N GLU B 385 -2.76 -33.46 33.15
CA GLU B 385 -3.82 -33.48 32.14
C GLU B 385 -4.75 -32.27 32.28
N SER B 386 -4.95 -31.81 33.51
CA SER B 386 -5.80 -30.64 33.77
C SER B 386 -5.02 -29.34 33.57
N GLN B 387 -3.70 -29.45 33.42
CA GLN B 387 -2.84 -28.30 33.18
C GLN B 387 -3.00 -27.21 34.24
N ARG B 388 -2.95 -27.63 35.50
CA ARG B 388 -3.02 -26.70 36.62
C ARG B 388 -1.72 -25.92 36.80
N SER B 389 -1.83 -24.60 36.84
CA SER B 389 -0.69 -23.75 37.11
C SER B 389 -0.20 -23.96 38.53
N LEU B 390 1.00 -23.46 38.81
CA LEU B 390 1.55 -23.52 40.15
C LEU B 390 0.71 -22.68 41.11
N LEU B 391 0.12 -21.60 40.60
CA LEU B 391 -0.72 -20.73 41.42
C LEU B 391 -2.01 -21.43 41.84
N GLU B 392 -2.55 -22.26 40.95
CA GLU B 392 -3.73 -23.05 41.28
C GLU B 392 -3.40 -24.07 42.36
N VAL B 393 -2.31 -24.80 42.18
CA VAL B 393 -1.86 -25.79 43.15
C VAL B 393 -1.58 -25.16 44.51
N MET B 394 -0.91 -24.02 44.53
CA MET B 394 -0.62 -23.37 45.80
C MET B 394 -1.89 -22.86 46.45
N ALA B 395 -2.88 -22.53 45.63
CA ALA B 395 -4.18 -22.08 46.14
C ALA B 395 -4.92 -23.22 46.84
N GLU B 396 -4.75 -24.43 46.34
CA GLU B 396 -5.36 -25.61 46.97
C GLU B 396 -4.69 -26.00 48.27
N PHE B 397 -3.46 -25.56 48.46
CA PHE B 397 -2.74 -25.88 49.70
C PHE B 397 -2.26 -24.60 50.40
N PRO B 398 -3.21 -23.86 51.00
CA PRO B 398 -2.98 -22.58 51.70
C PRO B 398 -1.80 -22.59 52.66
N SER B 399 -1.58 -23.70 53.36
CA SER B 399 -0.55 -23.77 54.40
C SER B 399 0.87 -23.95 53.87
N ALA B 400 1.01 -24.16 52.56
CA ALA B 400 2.32 -24.27 51.94
C ALA B 400 2.92 -22.87 51.77
N LYS B 401 3.86 -22.53 52.64
CA LYS B 401 4.48 -21.20 52.62
C LYS B 401 5.99 -21.34 52.52
N PRO B 402 6.52 -21.62 51.33
CA PRO B 402 7.97 -21.75 51.18
C PRO B 402 8.69 -20.43 51.39
N PRO B 403 9.89 -20.47 51.98
CA PRO B 403 10.79 -19.31 52.06
C PRO B 403 11.15 -18.92 50.65
N LEU B 404 11.45 -17.63 50.42
CA LEU B 404 11.77 -17.17 49.07
C LEU B 404 12.90 -17.98 48.43
N GLY B 405 13.86 -18.39 49.25
CA GLY B 405 15.00 -19.17 48.80
C GLY B 405 14.61 -20.52 48.19
N VAL B 406 13.66 -21.18 48.82
CA VAL B 406 13.16 -22.44 48.28
C VAL B 406 12.24 -22.17 47.08
N PHE B 407 11.37 -21.18 47.22
CA PHE B 407 10.42 -20.86 46.16
C PHE B 407 11.11 -20.57 44.82
N PHE B 408 12.16 -19.76 44.84
CA PHE B 408 12.84 -19.43 43.60
C PHE B 408 13.89 -20.46 43.19
N ALA B 409 14.14 -21.44 44.04
CA ALA B 409 15.03 -22.54 43.66
C ALA B 409 14.20 -23.71 43.18
N GLY B 410 13.54 -24.40 44.11
CA GLY B 410 12.87 -25.65 43.78
C GLY B 410 11.38 -25.64 43.52
N VAL B 411 10.72 -24.48 43.60
CA VAL B 411 9.28 -24.45 43.36
C VAL B 411 8.91 -23.84 42.01
N ALA B 412 9.40 -22.64 41.74
CA ALA B 412 9.11 -21.95 40.48
C ALA B 412 10.34 -21.96 39.58
N PRO B 413 10.22 -22.59 38.40
CA PRO B 413 11.33 -22.56 37.45
C PRO B 413 11.58 -21.13 36.98
N ARG B 414 12.75 -20.91 36.41
CA ARG B 414 13.11 -19.62 35.84
CA ARG B 414 13.10 -19.63 35.83
C ARG B 414 12.26 -19.36 34.60
N LEU B 415 11.71 -18.16 34.50
CA LEU B 415 10.93 -17.75 33.34
C LEU B 415 11.86 -17.67 32.14
N GLN B 416 11.51 -18.36 31.06
CA GLN B 416 12.37 -18.47 29.88
C GLN B 416 12.08 -17.43 28.79
N PRO B 417 13.09 -17.07 28.02
CA PRO B 417 12.81 -16.32 26.80
C PRO B 417 11.98 -17.17 25.83
N ARG B 418 11.16 -16.53 25.01
CA ARG B 418 10.46 -17.26 23.96
C ARG B 418 11.14 -17.03 22.62
N PHE B 419 11.28 -18.08 21.83
CA PHE B 419 11.96 -18.00 20.56
C PHE B 419 10.97 -17.96 19.39
N TYR B 420 11.30 -17.21 18.35
CA TYR B 420 10.48 -17.16 17.14
C TYR B 420 11.33 -17.38 15.91
N SER B 421 10.80 -18.11 14.93
CA SER B 421 11.48 -18.30 13.66
C SER B 421 11.46 -16.96 12.96
N ILE B 422 12.63 -16.38 12.71
CA ILE B 422 12.69 -15.07 12.07
C ILE B 422 12.11 -15.13 10.66
N SER B 423 11.11 -14.30 10.38
CA SER B 423 10.43 -14.36 9.09
C SER B 423 10.90 -13.31 8.07
N SER B 424 12.17 -12.96 8.12
CA SER B 424 12.75 -12.00 7.18
C SER B 424 14.16 -12.43 6.88
N SER B 425 14.68 -11.93 5.76
CA SER B 425 16.06 -12.15 5.39
C SER B 425 16.82 -10.84 5.55
N PRO B 426 18.08 -10.89 6.02
CA PRO B 426 18.87 -9.67 6.17
C PRO B 426 19.22 -9.00 4.84
N LYS B 427 19.01 -9.70 3.73
CA LYS B 427 19.18 -9.11 2.41
C LYS B 427 18.04 -8.14 2.05
N ILE B 428 16.89 -8.31 2.70
CA ILE B 428 15.75 -7.44 2.49
C ILE B 428 15.56 -6.56 3.73
N ALA B 429 15.28 -7.19 4.87
CA ALA B 429 15.17 -6.47 6.13
C ALA B 429 16.55 -6.36 6.77
N GLU B 430 17.33 -5.39 6.30
CA GLU B 430 18.69 -5.24 6.82
C GLU B 430 18.68 -4.76 8.26
N THR B 431 17.72 -3.91 8.60
CA THR B 431 17.73 -3.24 9.90
C THR B 431 16.52 -3.58 10.77
N ARG B 432 15.77 -4.63 10.40
CA ARG B 432 14.64 -5.07 11.20
C ARG B 432 14.57 -6.60 11.32
N ILE B 433 14.17 -7.10 12.47
CA ILE B 433 13.89 -8.53 12.61
C ILE B 433 12.37 -8.77 12.62
N HIS B 434 11.89 -9.52 11.62
CA HIS B 434 10.47 -9.72 11.47
C HIS B 434 10.10 -10.99 12.20
N VAL B 435 8.90 -11.00 12.76
CA VAL B 435 8.43 -12.12 13.55
C VAL B 435 6.97 -12.36 13.19
N THR B 436 6.57 -13.63 13.23
CA THR B 436 5.21 -14.05 12.96
C THR B 436 4.71 -14.87 14.15
N CYS B 437 3.85 -14.26 14.96
CA CYS B 437 3.54 -14.81 16.27
C CYS B 437 2.04 -15.07 16.49
N ALA B 438 1.68 -16.35 16.60
CA ALA B 438 0.29 -16.74 16.88
C ALA B 438 -0.09 -16.36 18.29
N LEU B 439 -1.26 -15.74 18.44
CA LEU B 439 -1.74 -15.34 19.75
C LEU B 439 -2.18 -16.57 20.58
N VAL B 440 -1.63 -16.69 21.78
CA VAL B 440 -2.01 -17.77 22.67
C VAL B 440 -3.11 -17.31 23.61
N TYR B 441 -4.27 -17.94 23.48
CA TYR B 441 -5.46 -17.55 24.21
C TYR B 441 -6.35 -18.77 24.27
N GLU B 442 -6.39 -19.42 25.42
CA GLU B 442 -7.10 -20.70 25.53
C GLU B 442 -7.75 -20.95 26.89
N LYS B 443 -8.74 -21.82 26.88
CA LYS B 443 -9.40 -22.27 28.09
C LYS B 443 -8.82 -23.61 28.50
N MET B 444 -8.18 -23.64 29.66
CA MET B 444 -7.64 -24.88 30.23
C MET B 444 -8.80 -25.75 30.72
N PRO B 445 -8.55 -27.05 30.95
CA PRO B 445 -9.62 -27.93 31.42
C PRO B 445 -10.23 -27.53 32.78
N THR B 446 -9.45 -26.83 33.61
CA THR B 446 -9.96 -26.35 34.89
C THR B 446 -10.86 -25.12 34.71
N GLY B 447 -10.96 -24.63 33.48
CA GLY B 447 -11.71 -23.42 33.20
C GLY B 447 -10.88 -22.15 33.27
N ARG B 448 -9.63 -22.29 33.70
CA ARG B 448 -8.70 -21.16 33.75
C ARG B 448 -8.43 -20.57 32.36
N ILE B 449 -8.45 -19.25 32.25
CA ILE B 449 -8.14 -18.61 30.99
C ILE B 449 -6.65 -18.30 30.91
N HIS B 450 -5.97 -18.93 29.96
CA HIS B 450 -4.54 -18.74 29.81
C HIS B 450 -4.18 -17.79 28.66
N LYS B 451 -3.53 -16.69 29.01
CA LYS B 451 -2.96 -15.78 28.02
C LYS B 451 -1.46 -16.02 27.93
N GLY B 452 -0.98 -16.37 26.74
CA GLY B 452 0.43 -16.62 26.54
C GLY B 452 1.22 -15.39 26.94
N VAL B 453 2.29 -15.57 27.70
CA VAL B 453 2.96 -14.42 28.28
C VAL B 453 3.61 -13.53 27.21
N CYS B 454 4.29 -14.12 26.25
CA CYS B 454 4.94 -13.33 25.21
C CYS B 454 4.01 -12.90 24.08
N SER B 455 3.15 -13.80 23.62
CA SER B 455 2.30 -13.49 22.48
C SER B 455 1.29 -12.40 22.86
N THR B 456 0.80 -12.45 24.09
CA THR B 456 -0.07 -11.38 24.58
C THR B 456 0.69 -10.06 24.64
N TRP B 457 1.95 -10.11 25.08
CA TRP B 457 2.78 -8.92 25.02
C TRP B 457 2.90 -8.39 23.57
N MET B 458 3.09 -9.30 22.61
CA MET B 458 3.21 -8.89 21.21
C MET B 458 1.92 -8.34 20.66
N LYS B 459 0.80 -8.94 21.04
CA LYS B 459 -0.52 -8.44 20.67
C LYS B 459 -0.73 -6.97 21.07
N ASN B 460 -0.26 -6.59 22.25
CA ASN B 460 -0.50 -5.25 22.74
C ASN B 460 0.62 -4.26 22.47
N ALA B 461 1.68 -4.69 21.79
CA ALA B 461 2.83 -3.82 21.58
C ALA B 461 2.49 -2.63 20.67
N VAL B 462 3.03 -1.46 21.02
CA VAL B 462 2.76 -0.24 20.29
C VAL B 462 3.89 0.07 19.30
N PRO B 463 3.56 0.11 17.99
CA PRO B 463 4.54 0.37 16.93
C PRO B 463 4.78 1.87 16.66
N TYR B 464 5.75 2.19 15.82
CA TYR B 464 6.06 3.58 15.42
C TYR B 464 4.86 4.40 14.96
N GLU B 465 4.06 3.83 14.06
CA GLU B 465 2.88 4.53 13.52
C GLU B 465 1.90 4.92 14.62
N LYS B 466 1.62 3.98 15.52
CA LYS B 466 0.71 4.27 16.63
C LYS B 466 1.36 5.22 17.63
N SER B 467 1.42 6.50 17.26
CA SER B 467 1.90 7.58 18.14
C SER B 467 3.40 7.58 18.45
N GLU B 468 3.75 8.26 19.54
CA GLU B 468 5.14 8.59 19.83
C GLU B 468 5.76 7.74 20.93
N ASN B 469 4.95 6.91 21.58
CA ASN B 469 5.48 6.07 22.64
C ASN B 469 5.42 4.60 22.28
N CYS B 470 6.36 4.15 21.46
CA CYS B 470 6.40 2.77 21.03
C CYS B 470 6.93 1.85 22.13
N SER B 471 6.58 0.57 22.05
CA SER B 471 7.12 -0.43 22.95
C SER B 471 8.53 -0.86 22.54
N SER B 472 9.19 -1.56 23.45
CA SER B 472 10.49 -2.13 23.20
C SER B 472 10.61 -3.40 24.02
N ALA B 473 11.49 -4.30 23.58
CA ALA B 473 11.70 -5.54 24.30
C ALA B 473 13.16 -5.90 24.23
N PRO B 474 13.66 -6.63 25.25
CA PRO B 474 15.02 -7.14 25.17
C PRO B 474 15.07 -8.38 24.26
N ILE B 475 15.92 -8.35 23.22
CA ILE B 475 16.04 -9.49 22.29
C ILE B 475 17.49 -9.90 22.02
N PHE B 476 17.64 -11.09 21.45
CA PHE B 476 18.93 -11.60 21.01
C PHE B 476 18.68 -12.62 19.92
N VAL B 477 19.75 -13.03 19.23
CA VAL B 477 19.61 -13.94 18.10
C VAL B 477 20.32 -15.27 18.32
N ARG B 478 19.64 -16.37 18.01
CA ARG B 478 20.25 -17.69 18.17
C ARG B 478 20.37 -18.38 16.81
N GLN B 479 21.61 -18.64 16.38
CA GLN B 479 21.84 -19.26 15.08
C GLN B 479 21.18 -20.63 15.01
N SER B 480 20.76 -21.03 13.82
CA SER B 480 20.20 -22.35 13.60
C SER B 480 20.78 -22.95 12.34
N ASN B 481 20.51 -24.22 12.11
CA ASN B 481 20.96 -24.89 10.90
CA ASN B 481 20.97 -24.90 10.90
C ASN B 481 19.84 -25.01 9.87
N PHE B 482 18.74 -24.31 10.14
CA PHE B 482 17.59 -24.27 9.24
C PHE B 482 17.90 -23.30 8.11
N LYS B 483 18.75 -23.73 7.19
CA LYS B 483 19.36 -22.85 6.18
C LYS B 483 19.11 -23.34 4.75
N LEU B 484 19.02 -22.40 3.81
CA LEU B 484 18.97 -22.72 2.39
C LEU B 484 20.30 -23.32 1.96
N PRO B 485 20.29 -24.10 0.87
CA PRO B 485 21.57 -24.57 0.31
C PRO B 485 22.39 -23.39 -0.23
N SER B 486 23.72 -23.47 -0.09
CA SER B 486 24.64 -22.47 -0.66
C SER B 486 24.40 -22.29 -2.15
N ASP B 487 24.19 -23.42 -2.82
CA ASP B 487 23.88 -23.43 -4.25
C ASP B 487 22.37 -23.22 -4.44
N SER B 488 22.03 -22.06 -4.99
CA SER B 488 20.65 -21.66 -5.18
C SER B 488 19.91 -22.43 -6.26
N LYS B 489 20.65 -23.23 -7.04
CA LYS B 489 20.05 -24.06 -8.07
C LYS B 489 19.34 -25.26 -7.47
N VAL B 490 19.87 -25.74 -6.34
CA VAL B 490 19.32 -26.91 -5.66
C VAL B 490 17.84 -26.72 -5.31
N PRO B 491 16.99 -27.66 -5.75
CA PRO B 491 15.55 -27.55 -5.52
C PRO B 491 15.18 -27.53 -4.02
N ILE B 492 14.08 -26.88 -3.68
CA ILE B 492 13.65 -26.84 -2.29
C ILE B 492 12.18 -27.17 -2.16
N ILE B 493 11.89 -27.95 -1.13
CA ILE B 493 10.52 -28.30 -0.80
C ILE B 493 10.23 -27.77 0.59
N MET B 494 9.29 -26.84 0.68
CA MET B 494 8.95 -26.23 1.97
C MET B 494 7.54 -26.60 2.42
N ILE B 495 7.43 -27.16 3.61
CA ILE B 495 6.13 -27.51 4.16
C ILE B 495 5.94 -26.74 5.46
N GLY B 496 5.03 -25.76 5.43
CA GLY B 496 4.80 -24.92 6.59
C GLY B 496 3.41 -24.32 6.66
N PRO B 497 2.44 -25.10 7.18
CA PRO B 497 1.07 -24.61 7.36
C PRO B 497 0.96 -23.68 8.56
N GLY B 498 -0.03 -22.79 8.55
CA GLY B 498 -0.28 -21.91 9.67
C GLY B 498 0.94 -21.07 10.02
N THR B 499 1.23 -20.95 11.30
CA THR B 499 2.37 -20.18 11.77
C THR B 499 3.68 -20.72 11.21
N GLY B 500 3.66 -21.96 10.74
CA GLY B 500 4.85 -22.62 10.24
C GLY B 500 5.43 -21.98 8.99
N LEU B 501 4.66 -21.07 8.40
CA LEU B 501 5.12 -20.36 7.22
C LEU B 501 6.32 -19.48 7.55
N ALA B 502 6.46 -19.09 8.82
CA ALA B 502 7.37 -18.03 9.23
C ALA B 502 8.78 -18.03 8.60
N PRO B 503 9.55 -19.11 8.75
CA PRO B 503 10.91 -19.05 8.21
C PRO B 503 10.93 -19.08 6.69
N PHE B 504 9.87 -19.62 6.10
CA PHE B 504 9.79 -19.68 4.65
C PHE B 504 9.56 -18.30 4.03
N ARG B 505 8.99 -17.37 4.80
CA ARG B 505 8.92 -16.00 4.30
C ARG B 505 10.34 -15.48 4.23
N GLY B 506 11.16 -15.89 5.19
CA GLY B 506 12.56 -15.53 5.19
C GLY B 506 13.27 -16.11 3.98
N PHE B 507 13.07 -17.40 3.75
CA PHE B 507 13.68 -18.11 2.61
C PHE B 507 13.31 -17.39 1.32
N LEU B 508 12.04 -16.99 1.21
CA LEU B 508 11.54 -16.34 0.00
C LEU B 508 12.08 -14.92 -0.19
N GLN B 509 12.23 -14.16 0.90
CA GLN B 509 12.84 -12.83 0.82
C GLN B 509 14.28 -12.96 0.37
N GLU B 510 14.97 -13.99 0.85
CA GLU B 510 16.36 -14.20 0.47
C GLU B 510 16.51 -14.64 -0.99
N ARG B 511 15.63 -15.49 -1.50
CA ARG B 511 15.71 -15.90 -2.91
C ARG B 511 15.35 -14.73 -3.81
N LEU B 512 14.41 -13.91 -3.36
CA LEU B 512 13.97 -12.75 -4.13
C LEU B 512 15.13 -11.77 -4.35
N ALA B 513 15.87 -11.47 -3.30
CA ALA B 513 17.05 -10.62 -3.41
C ALA B 513 18.14 -11.27 -4.26
N LEU B 514 18.09 -12.58 -4.41
CA LEU B 514 19.02 -13.28 -5.29
C LEU B 514 18.66 -13.16 -6.78
N VAL B 515 17.38 -13.26 -7.14
CA VAL B 515 17.01 -13.15 -8.55
C VAL B 515 17.21 -11.76 -9.15
N GLU B 516 17.67 -10.81 -8.34
CA GLU B 516 18.06 -9.50 -8.87
C GLU B 516 19.47 -9.20 -8.41
N SER B 517 20.38 -10.08 -8.80
CA SER B 517 21.71 -10.13 -8.21
C SER B 517 22.92 -10.63 -9.07
N GLY B 518 22.73 -11.48 -10.10
CA GLY B 518 21.47 -12.08 -10.51
C GLY B 518 21.57 -13.59 -10.54
N VAL B 519 21.58 -14.18 -9.34
CA VAL B 519 21.74 -15.62 -9.17
C VAL B 519 20.58 -16.38 -9.81
N GLU B 520 20.89 -17.53 -10.39
CA GLU B 520 19.85 -18.36 -10.99
C GLU B 520 19.12 -19.18 -9.92
N LEU B 521 17.80 -19.20 -10.01
CA LEU B 521 17.00 -19.95 -9.03
C LEU B 521 16.47 -21.27 -9.59
N GLY B 522 16.71 -22.33 -8.85
CA GLY B 522 16.17 -23.65 -9.15
C GLY B 522 14.75 -23.82 -8.66
N PRO B 523 14.18 -25.02 -8.85
CA PRO B 523 12.78 -25.32 -8.52
C PRO B 523 12.45 -25.16 -7.03
N SER B 524 11.25 -24.69 -6.75
CA SER B 524 10.80 -24.48 -5.39
C SER B 524 9.30 -24.75 -5.29
N VAL B 525 8.89 -25.42 -4.23
CA VAL B 525 7.48 -25.62 -3.96
C VAL B 525 7.22 -25.34 -2.49
N LEU B 526 6.08 -24.72 -2.20
CA LEU B 526 5.68 -24.46 -0.82
C LEU B 526 4.30 -25.00 -0.55
N PHE B 527 4.21 -25.95 0.39
CA PHE B 527 2.94 -26.46 0.86
C PHE B 527 2.50 -25.67 2.10
N PHE B 528 1.47 -24.86 1.92
CA PHE B 528 0.95 -24.05 3.02
C PHE B 528 -0.45 -24.54 3.37
N GLY B 529 -0.88 -24.27 4.58
CA GLY B 529 -2.21 -24.63 5.01
C GLY B 529 -2.78 -23.67 6.03
N CYS B 530 -4.10 -23.54 6.01
CA CYS B 530 -4.82 -22.74 6.98
C CYS B 530 -6.28 -23.16 6.96
N ARG B 531 -7.08 -22.58 7.84
CA ARG B 531 -8.49 -22.92 7.94
C ARG B 531 -9.34 -22.39 6.79
N ASN B 532 -9.19 -21.11 6.47
CA ASN B 532 -10.18 -20.41 5.67
C ASN B 532 -9.62 -19.15 5.01
N ARG B 533 -9.82 -19.03 3.69
CA ARG B 533 -9.44 -17.85 2.89
C ARG B 533 -9.89 -16.56 3.53
N ARG B 534 -11.10 -16.58 4.08
CA ARG B 534 -11.72 -15.36 4.59
C ARG B 534 -11.30 -15.04 6.03
N MET B 535 -10.29 -15.77 6.52
CA MET B 535 -9.85 -15.63 7.91
C MET B 535 -8.33 -15.75 8.08
N ASP B 536 -7.80 -16.82 7.53
CA ASP B 536 -6.56 -17.44 8.00
C ASP B 536 -5.35 -17.32 7.07
N PHE B 537 -5.58 -16.84 5.84
CA PHE B 537 -4.56 -16.92 4.81
C PHE B 537 -3.51 -15.82 5.01
N ILE B 538 -2.58 -16.04 5.93
CA ILE B 538 -1.59 -15.03 6.26
C ILE B 538 -0.59 -14.84 5.13
N TYR B 539 -0.22 -13.58 4.91
CA TYR B 539 0.73 -13.19 3.88
C TYR B 539 0.29 -13.63 2.49
N GLU B 540 -1.02 -13.71 2.26
CA GLU B 540 -1.54 -14.20 0.98
C GLU B 540 -1.00 -13.41 -0.20
N GLU B 541 -1.11 -12.09 -0.11
CA GLU B 541 -0.65 -11.19 -1.17
C GLU B 541 0.85 -11.29 -1.35
N GLU B 542 1.60 -11.29 -0.24
CA GLU B 542 3.06 -11.41 -0.33
C GLU B 542 3.45 -12.70 -1.02
N LEU B 543 2.71 -13.77 -0.74
CA LEU B 543 2.99 -15.07 -1.36
C LEU B 543 2.76 -15.00 -2.87
N GLN B 544 1.73 -14.28 -3.28
CA GLN B 544 1.44 -14.06 -4.70
C GLN B 544 2.62 -13.36 -5.36
N ARG B 545 3.15 -12.33 -4.73
CA ARG B 545 4.26 -11.57 -5.30
C ARG B 545 5.56 -12.37 -5.41
N PHE B 546 5.80 -13.29 -4.49
CA PHE B 546 6.95 -14.19 -4.60
C PHE B 546 6.80 -15.13 -5.80
N VAL B 547 5.58 -15.53 -6.10
CA VAL B 547 5.35 -16.38 -7.26
C VAL B 547 5.55 -15.56 -8.53
N GLU B 548 4.97 -14.36 -8.54
CA GLU B 548 5.12 -13.44 -9.68
C GLU B 548 6.57 -13.14 -10.02
N SER B 549 7.39 -12.87 -9.03
CA SER B 549 8.77 -12.46 -9.27
C SER B 549 9.74 -13.62 -9.45
N GLY B 550 9.27 -14.86 -9.28
CA GLY B 550 10.13 -16.02 -9.48
C GLY B 550 10.91 -16.51 -8.27
N ALA B 551 10.62 -15.98 -7.08
CA ALA B 551 11.26 -16.48 -5.86
C ALA B 551 10.74 -17.87 -5.52
N LEU B 552 9.46 -18.09 -5.80
CA LEU B 552 8.77 -19.33 -5.52
C LEU B 552 8.08 -19.83 -6.79
N ALA B 553 8.39 -21.07 -7.19
CA ALA B 553 7.83 -21.64 -8.41
C ALA B 553 6.37 -22.07 -8.26
N GLU B 554 6.07 -22.87 -7.23
CA GLU B 554 4.70 -23.31 -7.03
C GLU B 554 4.22 -23.13 -5.59
N LEU B 555 3.04 -22.56 -5.43
CA LEU B 555 2.39 -22.46 -4.13
C LEU B 555 1.18 -23.38 -4.02
N SER B 556 1.23 -24.33 -3.08
CA SER B 556 0.09 -25.20 -2.78
C SER B 556 -0.56 -24.88 -1.43
N VAL B 557 -1.86 -24.59 -1.44
CA VAL B 557 -2.55 -24.23 -0.22
C VAL B 557 -3.70 -25.18 0.11
N ALA B 558 -3.72 -25.68 1.34
CA ALA B 558 -4.77 -26.59 1.80
C ALA B 558 -5.66 -25.91 2.85
N PHE B 559 -6.97 -25.92 2.62
CA PHE B 559 -7.91 -25.28 3.52
C PHE B 559 -8.69 -26.31 4.33
N SER B 560 -8.74 -26.11 5.65
CA SER B 560 -9.30 -27.13 6.54
C SER B 560 -10.73 -26.87 7.01
N ARG B 561 -11.21 -25.64 6.85
CA ARG B 561 -12.54 -25.29 7.35
C ARG B 561 -13.25 -24.27 6.48
N GLU B 562 -13.26 -24.47 5.17
CA GLU B 562 -14.01 -23.57 4.30
C GLU B 562 -15.40 -24.11 4.01
N GLY B 563 -15.63 -25.37 4.36
CA GLY B 563 -16.92 -26.00 4.17
C GLY B 563 -16.93 -27.41 4.74
N PRO B 564 -17.84 -28.27 4.24
CA PRO B 564 -18.02 -29.63 4.74
C PRO B 564 -16.76 -30.48 4.63
N THR B 565 -15.98 -30.28 3.58
CA THR B 565 -14.81 -31.13 3.35
C THR B 565 -13.54 -30.55 3.97
N LYS B 566 -12.60 -31.41 4.32
CA LYS B 566 -11.39 -30.98 5.01
C LYS B 566 -10.13 -31.42 4.26
N GLU B 567 -9.14 -30.54 4.22
CA GLU B 567 -7.88 -30.84 3.55
C GLU B 567 -6.67 -30.30 4.32
N TYR B 568 -5.57 -31.04 4.28
CA TYR B 568 -4.33 -30.63 4.92
C TYR B 568 -3.14 -30.79 3.99
N VAL B 569 -1.98 -30.31 4.44
CA VAL B 569 -0.77 -30.36 3.65
C VAL B 569 -0.36 -31.78 3.20
N GLN B 570 -0.64 -32.79 4.00
CA GLN B 570 -0.34 -34.18 3.62
C GLN B 570 -1.11 -34.59 2.37
N HIS B 571 -2.36 -34.16 2.31
CA HIS B 571 -3.20 -34.42 1.15
C HIS B 571 -2.60 -33.80 -0.11
N LYS B 572 -2.24 -32.52 -0.04
CA LYS B 572 -1.63 -31.84 -1.16
C LYS B 572 -0.28 -32.45 -1.54
N MET B 573 0.47 -32.94 -0.54
CA MET B 573 1.72 -33.63 -0.80
C MET B 573 1.52 -34.85 -1.70
N MET B 574 0.51 -35.65 -1.39
CA MET B 574 0.26 -36.87 -2.14
C MET B 574 -0.23 -36.60 -3.57
N ASP B 575 -1.04 -35.57 -3.74
CA ASP B 575 -1.44 -35.12 -5.08
C ASP B 575 -0.20 -34.83 -5.93
N LYS B 576 0.78 -34.19 -5.31
CA LYS B 576 2.01 -33.83 -5.99
C LYS B 576 3.18 -34.77 -5.63
N ALA B 577 2.84 -36.01 -5.25
CA ALA B 577 3.83 -37.00 -4.84
C ALA B 577 4.87 -37.26 -5.94
N SER B 578 4.43 -37.19 -7.19
CA SER B 578 5.29 -37.49 -8.33
C SER B 578 6.44 -36.50 -8.48
N ASP B 579 6.11 -35.23 -8.64
CA ASP B 579 7.17 -34.22 -8.75
C ASP B 579 7.88 -33.93 -7.43
N ILE B 580 7.27 -34.30 -6.31
CA ILE B 580 7.99 -34.27 -5.03
C ILE B 580 9.13 -35.28 -5.08
N TRP B 581 8.83 -36.49 -5.55
CA TRP B 581 9.85 -37.52 -5.71
C TRP B 581 10.85 -37.11 -6.78
N ASN B 582 10.36 -36.45 -7.83
CA ASN B 582 11.22 -35.89 -8.87
C ASN B 582 12.33 -35.00 -8.31
N MET B 583 11.97 -33.95 -7.56
CA MET B 583 13.00 -33.05 -7.06
C MET B 583 13.88 -33.66 -5.97
N ILE B 584 13.37 -34.63 -5.22
CA ILE B 584 14.21 -35.32 -4.25
C ILE B 584 15.38 -36.01 -4.95
N SER B 585 15.06 -36.69 -6.06
CA SER B 585 16.07 -37.42 -6.82
C SER B 585 17.03 -36.49 -7.58
N GLN B 586 16.63 -35.23 -7.75
CA GLN B 586 17.54 -34.21 -8.26
C GLN B 586 18.24 -33.48 -7.10
N GLY B 587 18.08 -33.99 -5.89
CA GLY B 587 18.83 -33.52 -4.74
C GLY B 587 18.21 -32.42 -3.88
N ALA B 588 16.88 -32.32 -3.89
CA ALA B 588 16.19 -31.28 -3.13
C ALA B 588 16.37 -31.35 -1.61
N TYR B 589 16.41 -30.19 -0.99
CA TYR B 589 16.35 -30.10 0.47
C TYR B 589 14.88 -30.03 0.85
N LEU B 590 14.52 -30.75 1.91
CA LEU B 590 13.15 -30.81 2.39
C LEU B 590 13.07 -30.05 3.72
N TYR B 591 12.19 -29.05 3.82
CA TYR B 591 12.02 -28.32 5.08
C TYR B 591 10.61 -28.46 5.64
N VAL B 592 10.53 -28.66 6.95
CA VAL B 592 9.25 -28.80 7.62
C VAL B 592 9.23 -27.91 8.85
N CYS B 593 8.21 -27.06 8.94
CA CYS B 593 8.12 -26.14 10.06
C CYS B 593 6.70 -26.02 10.59
N GLY B 594 6.56 -25.90 11.91
CA GLY B 594 5.26 -25.75 12.54
C GLY B 594 4.98 -26.76 13.64
N ASP B 595 3.70 -27.10 13.81
CA ASP B 595 3.25 -28.06 14.84
C ASP B 595 4.03 -29.38 14.81
N ALA B 596 4.53 -29.79 15.98
CA ALA B 596 5.39 -30.97 16.05
C ALA B 596 4.61 -32.28 16.24
N LYS B 597 3.61 -32.26 17.11
CA LYS B 597 2.92 -33.52 17.42
C LYS B 597 1.97 -34.00 16.32
N GLY B 598 1.28 -33.07 15.66
CA GLY B 598 0.29 -33.44 14.67
C GLY B 598 0.79 -33.44 13.24
N MET B 599 1.07 -32.24 12.74
CA MET B 599 1.41 -32.04 11.33
C MET B 599 2.73 -32.70 10.94
N ALA B 600 3.76 -32.52 11.75
CA ALA B 600 5.09 -33.02 11.43
C ALA B 600 5.12 -34.55 11.31
N ARG B 601 4.34 -35.23 12.15
CA ARG B 601 4.28 -36.69 12.12
C ARG B 601 3.53 -37.17 10.87
N ASP B 602 2.45 -36.48 10.54
CA ASP B 602 1.67 -36.78 9.33
C ASP B 602 2.47 -36.56 8.05
N VAL B 603 3.26 -35.50 7.99
CA VAL B 603 4.07 -35.18 6.83
C VAL B 603 5.22 -36.18 6.70
N HIS B 604 5.81 -36.53 7.84
CA HIS B 604 6.85 -37.55 7.90
C HIS B 604 6.35 -38.89 7.34
N ARG B 605 5.14 -39.29 7.73
CA ARG B 605 4.54 -40.53 7.22
C ARG B 605 4.24 -40.44 5.72
N SER B 606 3.75 -39.28 5.29
CA SER B 606 3.54 -39.02 3.87
C SER B 606 4.81 -39.21 3.05
N LEU B 607 5.94 -38.82 3.63
CA LEU B 607 7.22 -38.98 2.94
C LEU B 607 7.56 -40.44 2.70
N HIS B 608 7.31 -41.30 3.68
CA HIS B 608 7.55 -42.72 3.52
C HIS B 608 6.69 -43.29 2.39
N THR B 609 5.40 -42.96 2.42
CA THR B 609 4.48 -43.36 1.39
C THR B 609 4.92 -42.90 -0.01
N ILE B 610 5.43 -41.68 -0.11
CA ILE B 610 5.93 -41.19 -1.40
C ILE B 610 7.15 -42.00 -1.89
N ALA B 611 8.07 -42.29 -0.98
CA ALA B 611 9.24 -43.10 -1.29
C ALA B 611 8.89 -44.52 -1.78
N GLN B 612 7.92 -45.17 -1.13
CA GLN B 612 7.51 -46.51 -1.51
C GLN B 612 6.79 -46.52 -2.85
N GLU B 613 5.88 -45.58 -3.03
CA GLU B 613 5.00 -45.58 -4.20
C GLU B 613 5.63 -44.97 -5.46
N GLN B 614 6.45 -43.93 -5.29
CA GLN B 614 7.10 -43.29 -6.42
C GLN B 614 8.50 -43.83 -6.68
N GLY B 615 9.15 -44.29 -5.63
CA GLY B 615 10.48 -44.85 -5.75
C GLY B 615 10.50 -46.37 -5.83
N SER B 616 9.31 -46.96 -5.92
CA SER B 616 9.16 -48.42 -6.03
C SER B 616 10.02 -49.17 -5.01
N MET B 617 9.78 -48.90 -3.73
CA MET B 617 10.56 -49.50 -2.64
C MET B 617 9.70 -50.28 -1.68
N ASP B 618 10.31 -51.28 -1.05
CA ASP B 618 9.72 -51.92 0.11
C ASP B 618 9.69 -50.89 1.22
N SER B 619 8.78 -51.06 2.17
CA SER B 619 8.62 -50.08 3.24
C SER B 619 9.88 -49.91 4.08
N THR B 620 10.62 -50.99 4.28
CA THR B 620 11.84 -50.91 5.08
C THR B 620 12.93 -50.11 4.37
N LYS B 621 13.01 -50.28 3.05
CA LYS B 621 13.92 -49.47 2.23
C LYS B 621 13.54 -47.99 2.27
N ALA B 622 12.25 -47.70 2.23
CA ALA B 622 11.76 -46.33 2.27
C ALA B 622 12.13 -45.64 3.60
N GLU B 623 12.17 -46.41 4.68
CA GLU B 623 12.58 -45.88 5.96
C GLU B 623 14.06 -45.51 5.93
N GLY B 624 14.88 -46.40 5.37
CA GLY B 624 16.29 -46.15 5.22
C GLY B 624 16.55 -44.91 4.38
N PHE B 625 15.77 -44.75 3.31
CA PHE B 625 15.88 -43.60 2.44
C PHE B 625 15.63 -42.29 3.19
N VAL B 626 14.48 -42.19 3.83
CA VAL B 626 14.14 -41.00 4.62
C VAL B 626 15.20 -40.76 5.71
N LYS B 627 15.63 -41.83 6.36
CA LYS B 627 16.68 -41.73 7.37
C LYS B 627 17.98 -41.18 6.78
N ASN B 628 18.28 -41.52 5.53
CA ASN B 628 19.45 -40.98 4.86
C ASN B 628 19.32 -39.49 4.55
N LEU B 629 18.13 -39.07 4.13
CA LEU B 629 17.89 -37.66 3.82
C LEU B 629 18.16 -36.76 5.03
N GLN B 630 17.80 -37.24 6.21
CA GLN B 630 17.97 -36.43 7.41
C GLN B 630 19.39 -36.48 7.96
N THR B 631 20.09 -37.60 7.81
CA THR B 631 21.46 -37.68 8.27
C THR B 631 22.43 -37.08 7.26
N SER B 632 21.91 -36.67 6.11
CA SER B 632 22.72 -36.01 5.09
CA SER B 632 22.74 -36.00 5.11
C SER B 632 22.43 -34.52 5.07
N GLY B 633 21.58 -34.07 5.99
CA GLY B 633 21.24 -32.66 6.12
C GLY B 633 20.35 -32.12 5.02
N ARG B 634 19.55 -33.00 4.41
CA ARG B 634 18.67 -32.60 3.32
C ARG B 634 17.20 -32.62 3.75
N TYR B 635 16.95 -33.14 4.92
CA TYR B 635 15.62 -33.13 5.53
C TYR B 635 15.74 -32.38 6.87
N LEU B 636 15.20 -31.16 6.93
CA LEU B 636 15.36 -30.32 8.10
C LEU B 636 14.01 -29.95 8.72
N ARG B 637 13.99 -29.87 10.05
CA ARG B 637 12.76 -29.54 10.77
C ARG B 637 12.96 -28.42 11.78
N ASP B 638 12.03 -27.48 11.79
CA ASP B 638 11.97 -26.45 12.80
C ASP B 638 10.57 -26.50 13.38
N VAL B 639 10.33 -27.46 14.27
CA VAL B 639 9.02 -27.67 14.86
C VAL B 639 8.98 -27.35 16.36
N TRP B 640 7.77 -27.17 16.88
CA TRP B 640 7.59 -26.85 18.29
C TRP B 640 6.18 -27.22 18.76
#